data_5AT1
#
_entry.id   5AT1
#
_cell.length_a   122.000
_cell.length_b   122.000
_cell.length_c   142.000
_cell.angle_alpha   90.00
_cell.angle_beta   90.00
_cell.angle_gamma   120.00
#
_symmetry.space_group_name_H-M   'P 3 2 1'
#
loop_
_entity.id
_entity.type
_entity.pdbx_description
1 polymer 'ASPARTATE CARBAMOYLTRANSFERASE (T STATE), CATALYTIC CHAIN'
2 polymer 'ASPARTATE CARBAMOYLTRANSFERASE REGULATORY CHAIN'
3 non-polymer 'ZINC ION'
4 non-polymer "CYTIDINE-5'-TRIPHOSPHATE"
#
loop_
_entity_poly.entity_id
_entity_poly.type
_entity_poly.pdbx_seq_one_letter_code
_entity_poly.pdbx_strand_id
1 'polypeptide(L)'
;ANPLYQKHIISINDLSRDDLNLVLATAAKLKANPQPELLKHKVIASCFFEASTRTRLSFQTSMHRLGASVVGFSDSANTS
LGKKGETLADTISVISTYVDAIVMRHPQEGAARLATEFSGNVPVLNAGDGSNQHPTQTLLDLFTIQQTEGRLDNLHVAMV
GDLKYGRTVHSLTQALAKFDGNRFYFIAPDALAMPEYILDMLDEKGIAWSLHSSIEEVMAEVDILYMTRVQKERLDPSEY
ANVKAQFVLRASDLHNAKANMKVLHPLPRVDEIATDVDKTPHAWYFQQAGNGIFARQALLALVLNRDLVL
;
A,C
2 'polypeptide(L)'
;MTHDNKLGVEAIKRGTVIDHIPAQIGFKLLSLFKLTETDQRITIGLNLPSGEMGRKDLIKIENTFLSEDQVDQLALYAPQ
ATVNRIDNYEVVGKSRPSLPERIDNVLVCPNSNCISHAEPVSSSFAVRKRANDIALKCKYCEKEFSHNVVLAN
;
B,D
#
# COMPACT_ATOMS: atom_id res chain seq x y z
N ALA A 1 25.33 38.54 -6.07
CA ALA A 1 23.96 38.08 -6.13
C ALA A 1 23.58 38.06 -4.67
N ASN A 2 22.31 38.30 -4.34
CA ASN A 2 21.91 38.38 -2.94
C ASN A 2 22.08 36.99 -2.26
N PRO A 3 22.08 36.82 -0.93
CA PRO A 3 22.17 35.52 -0.27
C PRO A 3 21.18 34.47 -0.78
N LEU A 4 19.89 34.87 -0.93
CA LEU A 4 18.82 33.94 -1.23
C LEU A 4 18.53 33.67 -2.68
N TYR A 5 19.40 34.14 -3.56
CA TYR A 5 19.15 34.07 -4.95
C TYR A 5 19.17 32.63 -5.48
N GLN A 6 18.12 32.23 -6.22
CA GLN A 6 17.92 30.88 -6.73
C GLN A 6 17.99 29.75 -5.66
N LYS A 7 17.82 30.12 -4.39
CA LYS A 7 17.89 29.25 -3.25
C LYS A 7 16.46 28.77 -2.98
N HIS A 8 16.32 27.53 -2.52
CA HIS A 8 15.03 26.93 -2.21
C HIS A 8 14.57 27.37 -0.81
N ILE A 9 13.42 28.06 -0.63
CA ILE A 9 12.93 28.32 0.72
C ILE A 9 12.03 27.16 1.15
N ILE A 10 12.59 26.29 1.98
CA ILE A 10 11.83 25.17 2.49
C ILE A 10 11.63 25.15 3.98
N SER A 11 12.50 25.64 4.83
CA SER A 11 12.21 25.56 6.24
C SER A 11 12.68 26.76 7.03
N ILE A 12 12.02 27.24 8.09
CA ILE A 12 12.54 28.39 8.86
C ILE A 12 13.87 28.00 9.42
N ASN A 13 13.92 26.76 9.84
CA ASN A 13 15.08 26.18 10.44
C ASN A 13 16.33 26.31 9.56
N ASP A 14 16.25 26.11 8.23
CA ASP A 14 17.36 26.30 7.28
C ASP A 14 17.68 27.78 7.00
N LEU A 15 16.98 28.82 7.48
CA LEU A 15 17.34 30.19 7.14
C LEU A 15 17.94 30.81 8.41
N SER A 16 19.02 31.57 8.22
CA SER A 16 19.81 32.14 9.30
C SER A 16 19.15 33.41 9.73
N ARG A 17 19.54 33.86 10.90
CA ARG A 17 19.13 35.17 11.44
C ARG A 17 19.37 36.29 10.39
N ASP A 18 20.44 36.19 9.60
CA ASP A 18 20.71 37.23 8.65
C ASP A 18 19.78 37.14 7.46
N ASP A 19 19.40 35.91 7.06
CA ASP A 19 18.46 35.70 5.97
C ASP A 19 17.07 36.22 6.36
N LEU A 20 16.62 35.94 7.58
CA LEU A 20 15.33 36.41 8.07
C LEU A 20 15.29 37.91 7.94
N ASN A 21 16.37 38.55 8.38
CA ASN A 21 16.47 40.00 8.37
C ASN A 21 16.50 40.62 7.02
N LEU A 22 17.19 39.95 6.11
CA LEU A 22 17.25 40.37 4.74
C LEU A 22 15.85 40.26 4.14
N VAL A 23 15.10 39.20 4.46
CA VAL A 23 13.74 39.05 3.97
C VAL A 23 12.91 40.22 4.51
N LEU A 24 12.95 40.46 5.82
CA LEU A 24 12.17 41.54 6.38
C LEU A 24 12.58 42.92 5.89
N ALA A 25 13.83 43.19 5.55
CA ALA A 25 14.19 44.51 5.06
C ALA A 25 13.60 44.67 3.69
N THR A 26 13.81 43.72 2.78
CA THR A 26 13.28 43.80 1.43
C THR A 26 11.79 44.10 1.34
N ALA A 27 11.09 43.32 2.15
CA ALA A 27 9.67 43.41 2.34
C ALA A 27 9.20 44.78 2.76
N ALA A 28 9.92 45.40 3.68
CA ALA A 28 9.56 46.72 4.13
C ALA A 28 9.81 47.74 3.00
N LYS A 29 10.80 47.47 2.13
CA LYS A 29 11.07 48.34 0.99
C LYS A 29 9.98 48.27 -0.07
N LEU A 30 9.64 47.06 -0.53
CA LEU A 30 8.59 46.80 -1.52
C LEU A 30 7.25 47.33 -1.10
N LYS A 31 7.02 47.24 0.20
CA LYS A 31 5.83 47.81 0.76
C LYS A 31 5.77 49.30 0.50
N ALA A 32 6.86 50.04 0.78
CA ALA A 32 6.88 51.48 0.61
C ALA A 32 6.91 51.92 -0.82
N ASN A 33 7.71 51.23 -1.60
CA ASN A 33 7.96 51.63 -2.99
C ASN A 33 7.67 50.34 -3.70
N PRO A 34 6.47 50.18 -4.23
CA PRO A 34 6.13 49.00 -4.99
C PRO A 34 6.84 48.87 -6.34
N GLN A 35 7.45 47.73 -6.67
CA GLN A 35 8.01 47.57 -7.99
C GLN A 35 7.12 46.54 -8.68
N PRO A 36 6.12 47.04 -9.43
CA PRO A 36 5.10 46.22 -10.09
C PRO A 36 5.49 45.48 -11.38
N GLU A 37 6.72 45.55 -11.89
CA GLU A 37 7.06 44.90 -13.13
C GLU A 37 8.43 44.28 -12.93
N LEU A 38 8.76 43.86 -11.72
CA LEU A 38 10.06 43.25 -11.41
C LEU A 38 10.13 41.82 -11.96
N LEU A 39 9.10 41.02 -11.74
CA LEU A 39 9.08 39.66 -12.19
C LEU A 39 8.40 39.60 -13.55
N LYS A 40 8.40 40.70 -14.30
CA LYS A 40 7.79 40.74 -15.61
C LYS A 40 8.49 39.71 -16.48
N HIS A 41 7.68 38.86 -17.12
CA HIS A 41 8.05 37.76 -18.01
C HIS A 41 8.38 36.44 -17.29
N LYS A 42 8.35 36.38 -15.97
CA LYS A 42 8.48 35.10 -15.33
C LYS A 42 7.10 34.45 -15.31
N VAL A 43 6.99 33.11 -15.31
CA VAL A 43 5.72 32.41 -15.17
C VAL A 43 5.95 31.65 -13.90
N ILE A 44 5.07 31.73 -12.94
CA ILE A 44 5.23 30.99 -11.71
C ILE A 44 4.06 30.01 -11.60
N ALA A 45 4.35 28.86 -11.05
CA ALA A 45 3.35 27.80 -10.91
C ALA A 45 2.82 27.91 -9.51
N SER A 46 1.52 27.90 -9.26
CA SER A 46 1.00 27.93 -7.91
C SER A 46 0.31 26.58 -7.77
N CYS A 47 1.05 25.60 -7.29
CA CYS A 47 0.64 24.22 -7.16
C CYS A 47 0.12 23.87 -5.78
N PHE A 48 -1.16 24.10 -5.53
CA PHE A 48 -1.73 23.73 -4.26
C PHE A 48 -2.32 22.32 -4.36
N PHE A 49 -1.62 21.26 -3.98
CA PHE A 49 -2.21 19.94 -4.02
C PHE A 49 -3.15 19.72 -2.84
N GLU A 50 -3.03 20.59 -1.86
CA GLU A 50 -3.91 20.79 -0.72
C GLU A 50 -4.34 22.24 -0.96
N ALA A 51 -5.58 22.56 -0.74
CA ALA A 51 -6.05 23.90 -1.01
C ALA A 51 -6.17 24.71 0.27
N SER A 52 -5.88 26.01 0.10
CA SER A 52 -5.98 27.05 1.12
C SER A 52 -6.26 28.32 0.32
N THR A 53 -7.39 29.01 0.42
CA THR A 53 -7.56 30.16 -0.45
C THR A 53 -6.77 31.38 -0.02
N ARG A 54 -6.75 31.70 1.27
CA ARG A 54 -6.01 32.84 1.82
C ARG A 54 -4.56 32.81 1.39
N THR A 55 -3.83 31.72 1.62
CA THR A 55 -2.43 31.54 1.23
C THR A 55 -2.18 31.61 -0.28
N ARG A 56 -3.10 30.99 -0.99
CA ARG A 56 -3.06 30.97 -2.40
C ARG A 56 -3.37 32.37 -2.92
N LEU A 57 -4.27 33.14 -2.32
CA LEU A 57 -4.60 34.44 -2.83
C LEU A 57 -3.52 35.35 -2.25
N SER A 58 -2.80 35.11 -1.15
CA SER A 58 -1.73 36.01 -0.73
C SER A 58 -0.61 35.89 -1.76
N PHE A 59 -0.31 34.63 -2.14
CA PHE A 59 0.82 34.31 -2.98
C PHE A 59 0.61 34.72 -4.42
N GLN A 60 -0.56 34.46 -5.02
CA GLN A 60 -0.83 34.85 -6.39
C GLN A 60 -0.95 36.35 -6.51
N THR A 61 -1.49 37.01 -5.47
CA THR A 61 -1.50 38.47 -5.50
C THR A 61 -0.07 38.92 -5.37
N SER A 62 0.82 38.39 -4.53
CA SER A 62 2.24 38.72 -4.52
C SER A 62 2.86 38.59 -5.87
N MET A 63 2.65 37.49 -6.59
CA MET A 63 3.21 37.32 -7.92
C MET A 63 2.71 38.43 -8.86
N HIS A 64 1.40 38.60 -8.93
CA HIS A 64 0.86 39.65 -9.76
C HIS A 64 1.29 41.01 -9.27
N ARG A 65 1.44 41.33 -7.99
CA ARG A 65 1.84 42.68 -7.55
C ARG A 65 3.30 43.07 -7.98
N LEU A 66 4.03 42.14 -8.60
CA LEU A 66 5.39 42.19 -9.07
C LEU A 66 5.44 41.76 -10.55
N GLY A 67 4.27 41.72 -11.15
CA GLY A 67 4.09 41.54 -12.57
C GLY A 67 4.48 40.22 -13.16
N ALA A 68 4.21 39.14 -12.44
CA ALA A 68 4.49 37.81 -12.92
C ALA A 68 3.19 37.08 -13.31
N SER A 69 3.30 36.19 -14.30
CA SER A 69 2.21 35.36 -14.76
C SER A 69 2.14 34.14 -13.88
N VAL A 70 0.96 33.61 -13.72
CA VAL A 70 0.78 32.47 -12.84
C VAL A 70 0.13 31.35 -13.60
N VAL A 71 0.48 30.10 -13.36
CA VAL A 71 -0.27 28.96 -13.88
C VAL A 71 -0.47 28.04 -12.65
N GLY A 72 -1.53 27.24 -12.41
CA GLY A 72 -1.50 26.42 -11.21
C GLY A 72 -2.76 25.64 -10.97
N PHE A 73 -2.95 25.12 -9.79
CA PHE A 73 -4.13 24.35 -9.42
C PHE A 73 -4.17 24.36 -7.90
N SER A 74 -5.31 23.95 -7.35
CA SER A 74 -5.60 23.74 -5.92
C SER A 74 -6.34 22.38 -5.86
N ASP A 75 -6.65 21.76 -4.73
CA ASP A 75 -7.05 20.37 -4.85
C ASP A 75 -7.72 19.77 -3.65
N SER A 76 -6.94 19.16 -2.74
CA SER A 76 -7.45 18.39 -1.60
C SER A 76 -8.32 17.21 -2.07
N ALA A 77 -8.16 16.83 -3.36
CA ALA A 77 -8.98 15.81 -4.04
C ALA A 77 -8.27 15.33 -5.32
N ASN A 78 -8.95 15.00 -6.42
CA ASN A 78 -8.26 14.63 -7.65
C ASN A 78 -7.99 15.96 -8.33
N THR A 79 -6.72 16.19 -8.67
CA THR A 79 -6.30 17.43 -9.35
C THR A 79 -6.90 17.62 -10.73
N SER A 80 -6.51 16.63 -11.53
CA SER A 80 -6.79 16.50 -12.95
C SER A 80 -6.05 15.20 -13.25
N LEU A 81 -5.49 14.95 -14.45
CA LEU A 81 -4.70 13.74 -14.73
C LEU A 81 -3.63 13.38 -13.66
N GLY A 82 -3.19 14.42 -12.94
CA GLY A 82 -2.28 14.28 -11.82
C GLY A 82 -3.06 13.64 -10.69
N LYS A 83 -2.90 12.33 -10.59
CA LYS A 83 -3.46 11.48 -9.56
C LYS A 83 -3.02 10.06 -9.92
N LYS A 84 -3.27 9.59 -11.15
CA LYS A 84 -2.96 8.21 -11.50
C LYS A 84 -1.47 7.97 -11.73
N GLY A 85 -0.89 7.43 -10.66
CA GLY A 85 0.47 6.92 -10.63
C GLY A 85 1.57 7.95 -10.79
N GLU A 86 1.22 9.15 -11.24
CA GLU A 86 2.16 10.20 -11.41
C GLU A 86 2.61 10.49 -9.99
N THR A 87 3.86 10.10 -9.81
CA THR A 87 4.52 10.37 -8.56
C THR A 87 4.81 11.88 -8.51
N LEU A 88 4.87 12.50 -7.33
CA LEU A 88 5.26 13.88 -7.18
C LEU A 88 6.59 14.19 -7.85
N ALA A 89 7.55 13.27 -7.79
CA ALA A 89 8.83 13.38 -8.46
C ALA A 89 8.62 13.67 -9.93
N ASP A 90 7.78 12.90 -10.59
CA ASP A 90 7.49 13.03 -12.02
C ASP A 90 6.73 14.27 -12.41
N THR A 91 5.92 14.75 -11.49
CA THR A 91 5.10 15.90 -11.66
C THR A 91 6.03 17.10 -11.68
N ILE A 92 6.98 17.10 -10.75
CA ILE A 92 7.93 18.18 -10.62
C ILE A 92 8.83 18.05 -11.80
N SER A 93 9.35 16.88 -12.11
CA SER A 93 10.21 16.70 -13.25
C SER A 93 9.65 17.27 -14.54
N VAL A 94 8.31 17.16 -14.75
CA VAL A 94 7.66 17.81 -15.87
C VAL A 94 7.45 19.28 -15.54
N ILE A 95 6.79 19.78 -14.51
CA ILE A 95 6.55 21.20 -14.35
C ILE A 95 7.83 22.06 -14.29
N SER A 96 9.01 21.60 -13.87
CA SER A 96 10.22 22.40 -13.85
C SER A 96 10.85 22.64 -15.21
N THR A 97 10.24 22.02 -16.21
CA THR A 97 10.55 22.28 -17.60
C THR A 97 9.64 23.42 -18.16
N TYR A 98 8.68 24.04 -17.40
CA TYR A 98 7.76 25.06 -17.88
C TYR A 98 7.97 26.38 -17.12
N VAL A 99 8.06 26.31 -15.80
CA VAL A 99 8.10 27.49 -14.97
C VAL A 99 9.47 27.84 -14.45
N ASP A 100 9.40 29.04 -13.87
CA ASP A 100 10.48 29.78 -13.25
C ASP A 100 10.58 29.66 -11.74
N ALA A 101 9.50 29.23 -11.11
CA ALA A 101 9.48 28.90 -9.71
C ALA A 101 8.20 28.12 -9.51
N ILE A 102 8.24 27.31 -8.45
CA ILE A 102 7.14 26.43 -8.08
C ILE A 102 6.73 26.79 -6.67
N VAL A 103 5.56 27.37 -6.40
CA VAL A 103 5.12 27.54 -5.02
C VAL A 103 4.20 26.34 -4.86
N MET A 104 4.40 25.50 -3.83
CA MET A 104 3.54 24.33 -3.65
C MET A 104 3.20 24.09 -2.19
N ARG A 105 1.95 23.74 -1.97
CA ARG A 105 1.43 23.29 -0.69
C ARG A 105 0.99 21.86 -0.96
N HIS A 106 1.30 21.04 0.01
CA HIS A 106 1.03 19.65 -0.13
C HIS A 106 0.77 19.10 1.26
N PRO A 107 -0.13 18.11 1.37
CA PRO A 107 -0.45 17.34 2.58
C PRO A 107 0.51 16.43 3.32
N GLN A 108 1.67 16.06 2.77
CA GLN A 108 2.56 15.15 3.45
C GLN A 108 3.85 15.91 3.62
N GLU A 109 4.51 15.60 4.74
CA GLU A 109 5.70 16.33 5.11
C GLU A 109 6.81 15.94 4.17
N GLY A 110 7.76 16.87 4.01
CA GLY A 110 8.91 16.77 3.11
C GLY A 110 8.59 16.74 1.63
N ALA A 111 7.38 17.17 1.22
CA ALA A 111 7.01 17.13 -0.17
C ALA A 111 7.76 18.18 -0.93
N ALA A 112 7.92 19.38 -0.37
CA ALA A 112 8.69 20.42 -1.01
C ALA A 112 10.19 20.13 -1.03
N ARG A 113 10.64 19.29 -0.09
CA ARG A 113 12.03 18.89 -0.01
C ARG A 113 12.27 17.81 -1.05
N LEU A 114 11.47 16.75 -1.15
CA LEU A 114 11.59 15.83 -2.27
C LEU A 114 11.53 16.59 -3.59
N ALA A 115 10.67 17.62 -3.69
CA ALA A 115 10.53 18.41 -4.89
C ALA A 115 11.81 19.10 -5.37
N THR A 116 12.54 19.69 -4.44
CA THR A 116 13.81 20.33 -4.63
C THR A 116 14.76 19.46 -5.40
N GLU A 117 14.64 18.16 -5.17
CA GLU A 117 15.45 17.15 -5.81
C GLU A 117 15.07 16.93 -7.26
N PHE A 118 13.88 17.29 -7.72
CA PHE A 118 13.51 17.10 -9.10
C PHE A 118 13.34 18.44 -9.85
N SER A 119 13.44 19.62 -9.21
CA SER A 119 13.30 20.92 -9.84
C SER A 119 14.38 21.28 -10.85
N GLY A 120 15.53 20.63 -10.89
CA GLY A 120 16.63 21.07 -11.75
C GLY A 120 17.20 22.24 -11.00
N ASN A 121 16.95 23.42 -11.51
CA ASN A 121 17.36 24.58 -10.77
C ASN A 121 16.26 25.62 -10.69
N VAL A 122 15.03 25.14 -10.77
CA VAL A 122 13.85 25.99 -10.65
C VAL A 122 13.57 26.01 -9.15
N PRO A 123 13.65 27.13 -8.41
CA PRO A 123 13.39 27.17 -6.97
C PRO A 123 11.96 26.78 -6.57
N VAL A 124 11.80 25.94 -5.52
CA VAL A 124 10.46 25.58 -5.00
C VAL A 124 10.20 26.37 -3.70
N LEU A 125 8.97 26.78 -3.44
CA LEU A 125 8.70 27.56 -2.25
C LEU A 125 7.52 26.87 -1.61
N ASN A 126 7.81 26.65 -0.36
CA ASN A 126 6.96 25.91 0.54
C ASN A 126 5.87 26.74 1.16
N ALA A 127 4.65 26.45 0.68
CA ALA A 127 3.46 27.11 1.19
C ALA A 127 2.78 26.27 2.29
N GLY A 128 3.36 25.13 2.67
CA GLY A 128 2.87 24.25 3.73
C GLY A 128 3.15 22.79 3.34
N ASP A 129 3.94 22.07 4.11
CA ASP A 129 4.14 20.68 3.76
C ASP A 129 3.72 19.88 4.95
N GLY A 130 2.43 19.62 4.97
CA GLY A 130 1.83 18.81 6.02
C GLY A 130 1.95 19.57 7.31
N SER A 131 2.29 18.87 8.35
CA SER A 131 2.47 19.46 9.66
C SER A 131 3.96 19.77 9.81
N ASN A 132 4.80 19.88 8.77
CA ASN A 132 6.19 20.18 9.02
C ASN A 132 6.55 21.67 9.03
N GLN A 133 6.55 22.42 7.92
CA GLN A 133 7.05 23.78 7.89
C GLN A 133 6.03 24.61 7.16
N HIS A 134 6.08 25.91 7.35
CA HIS A 134 5.28 26.83 6.58
C HIS A 134 6.09 28.13 6.66
N PRO A 135 7.30 28.24 6.07
CA PRO A 135 8.20 29.33 6.40
C PRO A 135 7.63 30.68 5.99
N THR A 136 6.82 30.77 4.94
CA THR A 136 6.22 32.02 4.49
C THR A 136 5.27 32.69 5.46
N GLN A 137 4.66 31.87 6.31
CA GLN A 137 3.80 32.31 7.37
C GLN A 137 4.62 32.98 8.45
N THR A 138 5.76 32.38 8.73
CA THR A 138 6.56 32.84 9.81
C THR A 138 7.26 34.12 9.47
N LEU A 139 7.58 34.32 8.19
CA LEU A 139 8.20 35.56 7.74
C LEU A 139 7.14 36.62 7.88
N LEU A 140 5.88 36.41 7.47
CA LEU A 140 4.97 37.48 7.70
C LEU A 140 4.67 37.64 9.18
N ASP A 141 4.79 36.64 10.05
CA ASP A 141 4.51 36.91 11.47
C ASP A 141 5.65 37.75 12.01
N LEU A 142 6.88 37.39 11.71
CA LEU A 142 8.06 38.14 12.14
C LEU A 142 8.01 39.57 11.60
N PHE A 143 7.63 39.83 10.33
CA PHE A 143 7.57 41.19 9.80
C PHE A 143 6.58 42.03 10.56
N THR A 144 5.44 41.45 10.94
CA THR A 144 4.43 42.15 11.70
C THR A 144 4.84 42.34 13.12
N ILE A 145 5.63 41.47 13.72
CA ILE A 145 6.03 41.60 15.13
C ILE A 145 6.97 42.77 15.19
N GLN A 146 7.98 42.63 14.31
CA GLN A 146 8.98 43.63 14.05
C GLN A 146 8.35 44.98 13.71
N GLN A 147 7.43 45.10 12.76
CA GLN A 147 6.81 46.38 12.40
C GLN A 147 5.92 46.95 13.51
N THR A 148 5.25 46.24 14.40
CA THR A 148 4.51 46.89 15.45
C THR A 148 5.39 47.24 16.63
N GLU A 149 6.47 46.46 16.82
CA GLU A 149 7.36 46.54 17.99
C GLU A 149 8.72 47.21 17.81
N GLY A 150 9.18 47.42 16.58
CA GLY A 150 10.46 48.06 16.35
C GLY A 150 11.61 47.10 16.34
N ARG A 151 11.41 45.85 16.77
CA ARG A 151 12.53 44.92 16.89
C ARG A 151 11.97 43.54 17.04
N LEU A 152 12.91 42.59 17.01
CA LEU A 152 12.67 41.17 17.20
C LEU A 152 13.50 40.62 18.36
N ASP A 153 14.18 41.48 19.12
CA ASP A 153 15.04 41.01 20.19
C ASP A 153 14.42 41.54 21.45
N ASN A 154 14.51 40.91 22.59
CA ASN A 154 14.03 41.36 23.89
C ASN A 154 12.54 41.67 23.98
N LEU A 155 11.75 40.77 23.43
CA LEU A 155 10.29 40.84 23.44
C LEU A 155 9.77 39.71 24.31
N HIS A 156 8.58 39.93 24.86
CA HIS A 156 7.94 39.02 25.80
C HIS A 156 6.77 38.65 24.97
N VAL A 157 6.83 37.44 24.45
CA VAL A 157 5.86 36.97 23.50
C VAL A 157 5.04 35.90 24.18
N ALA A 158 3.71 35.98 24.13
CA ALA A 158 2.90 34.94 24.73
C ALA A 158 2.34 34.18 23.56
N MET A 159 2.28 32.86 23.64
CA MET A 159 1.78 32.03 22.55
C MET A 159 0.60 31.26 23.11
N VAL A 160 -0.58 31.22 22.51
CA VAL A 160 -1.73 30.61 23.16
C VAL A 160 -2.42 29.58 22.28
N GLY A 161 -3.04 28.56 22.88
CA GLY A 161 -3.92 27.65 22.16
C GLY A 161 -3.40 26.25 22.01
N ASP A 162 -3.36 25.76 20.78
CA ASP A 162 -2.84 24.45 20.49
C ASP A 162 -1.35 24.50 20.26
N LEU A 163 -0.56 24.64 21.31
CA LEU A 163 0.87 24.68 21.15
C LEU A 163 1.39 23.30 20.81
N LYS A 164 0.65 22.21 20.95
CA LYS A 164 1.14 20.90 20.54
C LYS A 164 1.14 20.65 19.03
N TYR A 165 0.02 20.95 18.36
CA TYR A 165 -0.04 20.67 16.92
C TYR A 165 -0.01 21.92 16.03
N GLY A 166 -0.11 23.14 16.57
CA GLY A 166 0.02 24.35 15.76
C GLY A 166 1.41 24.45 15.08
N ARG A 167 1.48 24.17 13.78
CA ARG A 167 2.63 24.32 12.88
C ARG A 167 3.33 25.70 12.95
N THR A 168 2.49 26.74 13.01
CA THR A 168 2.94 28.10 13.06
C THR A 168 3.60 28.38 14.39
N VAL A 169 3.04 27.99 15.54
CA VAL A 169 3.69 28.31 16.79
C VAL A 169 5.06 27.63 16.96
N HIS A 170 5.27 26.39 16.51
CA HIS A 170 6.60 25.79 16.59
C HIS A 170 7.51 26.55 15.60
N SER A 171 7.22 26.94 14.35
CA SER A 171 8.16 27.65 13.46
C SER A 171 8.55 28.99 14.07
N LEU A 172 7.58 29.75 14.60
CA LEU A 172 7.78 31.07 15.17
C LEU A 172 8.62 31.04 16.40
N THR A 173 8.48 30.05 17.26
CA THR A 173 9.38 29.96 18.40
C THR A 173 10.84 29.80 17.93
N GLN A 174 11.08 28.88 16.99
CA GLN A 174 12.41 28.65 16.47
C GLN A 174 13.02 29.93 15.96
N ALA A 175 12.28 30.59 15.10
CA ALA A 175 12.69 31.85 14.53
C ALA A 175 13.01 32.90 15.58
N LEU A 176 12.12 33.17 16.54
CA LEU A 176 12.43 34.20 17.53
C LEU A 176 13.51 33.73 18.50
N ALA A 177 13.86 32.44 18.49
CA ALA A 177 14.95 31.92 19.29
C ALA A 177 16.25 32.04 18.51
N LYS A 178 16.32 32.85 17.45
CA LYS A 178 17.57 33.20 16.76
C LYS A 178 17.88 34.68 17.13
N PHE A 179 17.04 35.36 17.95
CA PHE A 179 17.25 36.75 18.37
C PHE A 179 17.47 36.84 19.88
N ASP A 180 18.03 37.93 20.38
CA ASP A 180 18.48 37.98 21.77
C ASP A 180 17.49 38.49 22.77
N GLY A 181 17.39 37.87 23.95
CA GLY A 181 16.64 38.45 25.06
C GLY A 181 15.15 38.16 25.21
N ASN A 182 14.63 37.37 24.28
CA ASN A 182 13.24 36.97 24.26
C ASN A 182 12.87 36.02 25.36
N ARG A 183 11.65 36.27 25.82
CA ARG A 183 10.98 35.62 26.93
C ARG A 183 9.65 35.13 26.35
N PHE A 184 9.34 33.85 26.47
CA PHE A 184 8.09 33.30 25.97
C PHE A 184 7.17 32.83 27.10
N TYR A 185 5.88 33.10 27.00
CA TYR A 185 4.94 32.67 27.99
C TYR A 185 4.07 31.75 27.24
N PHE A 186 4.08 30.45 27.53
CA PHE A 186 3.25 29.50 26.82
C PHE A 186 1.94 29.19 27.55
N ILE A 187 0.76 29.48 27.00
CA ILE A 187 -0.52 29.27 27.66
C ILE A 187 -1.35 28.29 26.85
N ALA A 188 -1.48 27.05 27.29
CA ALA A 188 -2.19 26.04 26.50
C ALA A 188 -2.85 25.03 27.39
N PRO A 189 -3.81 24.24 26.90
CA PRO A 189 -4.36 23.11 27.66
C PRO A 189 -3.29 22.01 27.90
N ASP A 190 -3.31 21.26 29.03
CA ASP A 190 -2.39 20.14 29.29
C ASP A 190 -2.37 19.22 28.09
N ALA A 191 -3.54 18.94 27.52
CA ALA A 191 -3.65 18.10 26.34
C ALA A 191 -2.99 18.64 25.06
N LEU A 192 -2.65 19.94 25.02
CA LEU A 192 -2.13 20.60 23.83
C LEU A 192 -0.94 21.50 24.19
N ALA A 193 0.01 20.95 24.91
CA ALA A 193 1.17 21.70 25.37
C ALA A 193 2.34 21.88 24.41
N MET A 194 3.32 22.72 24.73
CA MET A 194 4.44 22.93 23.84
C MET A 194 5.31 21.66 23.84
N PRO A 195 5.57 21.00 22.71
CA PRO A 195 6.32 19.75 22.62
C PRO A 195 7.65 19.83 23.34
N GLU A 196 8.10 18.81 24.05
CA GLU A 196 9.38 18.89 24.75
C GLU A 196 10.54 19.39 23.90
N TYR A 197 10.78 18.94 22.66
CA TYR A 197 11.93 19.45 21.92
C TYR A 197 11.99 20.98 21.68
N ILE A 198 10.88 21.73 21.52
CA ILE A 198 10.91 23.19 21.38
C ILE A 198 11.55 23.71 22.67
N LEU A 199 11.01 23.19 23.77
CA LEU A 199 11.42 23.63 25.08
C LEU A 199 12.88 23.34 25.29
N ASP A 200 13.35 22.12 24.97
CA ASP A 200 14.76 21.72 25.07
C ASP A 200 15.70 22.55 24.18
N MET A 201 15.31 22.93 22.97
CA MET A 201 16.13 23.84 22.18
C MET A 201 16.22 25.16 22.91
N LEU A 202 15.07 25.62 23.41
CA LEU A 202 14.98 26.86 24.14
C LEU A 202 15.91 26.85 25.33
N ASP A 203 16.05 25.73 26.02
CA ASP A 203 16.99 25.67 27.14
C ASP A 203 18.43 25.64 26.71
N GLU A 204 18.82 24.96 25.64
CA GLU A 204 20.21 24.93 25.20
C GLU A 204 20.76 26.32 24.90
N LYS A 205 19.87 27.25 24.56
CA LYS A 205 20.28 28.60 24.25
C LYS A 205 20.15 29.57 25.43
N GLY A 206 19.70 29.09 26.57
CA GLY A 206 19.46 29.93 27.73
C GLY A 206 18.24 30.86 27.62
N ILE A 207 17.22 30.49 26.82
CA ILE A 207 16.05 31.35 26.58
C ILE A 207 14.95 31.16 27.64
N ALA A 208 14.50 32.26 28.23
CA ALA A 208 13.51 32.13 29.28
C ALA A 208 12.10 31.93 28.76
N TRP A 209 11.44 30.89 29.25
CA TRP A 209 10.10 30.56 28.83
C TRP A 209 9.28 30.14 30.03
N SER A 210 7.96 30.24 30.07
CA SER A 210 7.21 29.69 31.19
C SER A 210 5.81 29.25 30.81
N LEU A 211 5.31 28.21 31.42
CA LEU A 211 3.98 27.68 31.16
C LEU A 211 3.04 28.42 32.10
N HIS A 212 1.88 28.89 31.63
CA HIS A 212 0.89 29.62 32.41
C HIS A 212 -0.43 29.02 32.12
N SER A 213 -1.31 29.18 33.08
CA SER A 213 -2.58 28.51 33.02
C SER A 213 -3.53 29.28 32.14
N SER A 214 -3.56 30.60 32.26
CA SER A 214 -4.43 31.39 31.44
C SER A 214 -3.76 32.68 30.97
N ILE A 215 -4.43 33.31 30.01
CA ILE A 215 -4.01 34.57 29.45
C ILE A 215 -3.99 35.68 30.52
N GLU A 216 -5.00 35.93 31.37
CA GLU A 216 -4.93 37.06 32.30
C GLU A 216 -3.79 37.00 33.33
N GLU A 217 -3.03 35.90 33.40
CA GLU A 217 -1.80 35.75 34.20
C GLU A 217 -0.54 36.47 33.64
N VAL A 218 -0.54 36.71 32.32
CA VAL A 218 0.56 37.34 31.61
C VAL A 218 0.13 38.61 30.92
N MET A 219 -1.18 38.84 30.82
CA MET A 219 -1.76 39.99 30.18
C MET A 219 -0.93 41.27 30.21
N ALA A 220 -0.43 41.67 31.38
CA ALA A 220 0.29 42.91 31.50
C ALA A 220 1.74 42.92 31.01
N GLU A 221 2.33 41.74 30.89
CA GLU A 221 3.74 41.65 30.54
C GLU A 221 4.06 41.55 29.04
N VAL A 222 3.07 41.07 28.34
CA VAL A 222 3.16 40.65 26.97
C VAL A 222 3.13 41.77 25.95
N ASP A 223 4.13 41.66 25.09
CA ASP A 223 4.27 42.56 23.98
C ASP A 223 3.46 42.01 22.81
N ILE A 224 3.61 40.70 22.49
CA ILE A 224 2.88 40.08 21.39
C ILE A 224 2.06 38.95 21.97
N LEU A 225 0.82 38.80 21.58
CA LEU A 225 -0.03 37.73 22.04
C LEU A 225 -0.41 36.92 20.81
N TYR A 226 0.29 35.83 20.55
CA TYR A 226 0.03 35.01 19.40
C TYR A 226 -0.95 33.89 19.73
N MET A 227 -2.17 34.06 19.27
CA MET A 227 -3.25 33.14 19.49
C MET A 227 -3.25 32.17 18.33
N THR A 228 -3.60 30.94 18.66
CA THR A 228 -3.81 29.99 17.61
C THR A 228 -5.16 29.38 17.82
N ARG A 229 -5.64 28.78 16.73
CA ARG A 229 -7.00 28.29 16.72
C ARG A 229 -7.12 26.91 17.34
N VAL A 230 -7.91 26.79 18.41
CA VAL A 230 -8.05 25.52 19.10
C VAL A 230 -9.01 24.68 18.27
N GLN A 231 -8.58 23.48 17.85
CA GLN A 231 -9.40 22.63 17.01
C GLN A 231 -10.29 21.66 17.78
N LYS A 232 -11.59 21.92 17.62
CA LYS A 232 -12.68 21.18 18.23
C LYS A 232 -12.57 19.67 18.03
N GLU A 233 -12.37 19.25 16.77
CA GLU A 233 -12.31 17.84 16.39
C GLU A 233 -11.16 17.01 16.93
N ARG A 234 -10.19 17.63 17.58
CA ARG A 234 -9.10 16.85 18.11
C ARG A 234 -9.39 16.58 19.58
N LEU A 235 -10.58 16.96 20.04
CA LEU A 235 -10.88 16.91 21.43
C LEU A 235 -12.28 16.36 21.57
N ASP A 236 -12.62 15.71 22.69
CA ASP A 236 -14.00 15.30 22.94
C ASP A 236 -14.81 16.60 23.09
N PRO A 237 -16.01 16.73 22.52
CA PRO A 237 -16.91 17.87 22.69
C PRO A 237 -17.13 18.43 24.08
N SER A 238 -17.17 17.56 25.09
CA SER A 238 -17.32 17.96 26.48
C SER A 238 -15.99 18.46 27.04
N GLU A 239 -14.89 17.97 26.48
CA GLU A 239 -13.55 18.32 26.94
C GLU A 239 -13.13 19.73 26.55
N TYR A 240 -13.32 19.94 25.22
CA TYR A 240 -13.05 21.18 24.54
C TYR A 240 -13.81 22.32 25.19
N ALA A 241 -15.16 22.15 25.24
CA ALA A 241 -16.08 23.14 25.77
C ALA A 241 -15.98 23.42 27.28
N ASN A 242 -15.24 22.57 27.99
CA ASN A 242 -15.04 22.72 29.41
C ASN A 242 -13.97 23.78 29.67
N VAL A 243 -12.72 23.33 29.85
CA VAL A 243 -11.57 24.11 30.34
C VAL A 243 -11.93 25.41 31.10
N LYS A 244 -12.61 25.21 32.25
CA LYS A 244 -13.04 26.18 33.28
C LYS A 244 -13.71 27.55 32.95
N ALA A 245 -13.02 28.45 32.23
CA ALA A 245 -13.48 29.76 31.79
C ALA A 245 -12.74 30.12 30.48
N GLN A 246 -12.19 29.07 29.86
CA GLN A 246 -11.46 29.07 28.62
C GLN A 246 -10.25 29.98 28.46
N PHE A 247 -9.70 29.80 27.27
CA PHE A 247 -8.53 30.48 26.73
C PHE A 247 -9.04 31.19 25.45
N VAL A 248 -10.12 31.99 25.54
CA VAL A 248 -10.59 32.78 24.42
C VAL A 248 -10.30 34.20 24.87
N LEU A 249 -10.11 35.07 23.88
CA LEU A 249 -9.81 36.44 24.12
C LEU A 249 -11.06 37.26 23.84
N ARG A 250 -11.18 38.25 24.70
CA ARG A 250 -12.30 39.15 24.70
C ARG A 250 -11.72 40.55 24.98
N ALA A 251 -12.43 41.62 24.63
CA ALA A 251 -11.94 42.98 24.82
C ALA A 251 -11.60 43.41 26.24
N SER A 252 -12.36 43.04 27.28
CA SER A 252 -12.13 43.48 28.67
C SER A 252 -10.83 42.97 29.26
N ASP A 253 -10.41 41.81 28.80
CA ASP A 253 -9.18 41.17 29.23
C ASP A 253 -8.02 41.99 28.67
N LEU A 254 -8.28 42.78 27.65
CA LEU A 254 -7.27 43.64 27.08
C LEU A 254 -7.16 44.95 27.86
N HIS A 255 -7.88 45.19 28.94
CA HIS A 255 -7.75 46.46 29.64
C HIS A 255 -6.43 46.76 30.33
N ASN A 256 -5.71 45.69 30.74
CA ASN A 256 -4.44 45.83 31.46
C ASN A 256 -3.29 45.36 30.57
N ALA A 257 -3.54 45.45 29.25
CA ALA A 257 -2.56 45.07 28.26
C ALA A 257 -1.79 46.35 27.98
N LYS A 258 -0.50 46.15 27.74
CA LYS A 258 0.35 47.28 27.41
C LYS A 258 -0.15 48.01 26.15
N ALA A 259 0.20 49.28 26.04
CA ALA A 259 -0.09 50.13 24.89
C ALA A 259 0.32 49.55 23.53
N ASN A 260 1.57 49.07 23.47
CA ASN A 260 2.24 48.41 22.31
C ASN A 260 1.86 46.96 22.02
N MET A 261 0.99 46.35 22.82
CA MET A 261 0.63 44.96 22.66
C MET A 261 -0.32 44.77 21.49
N LYS A 262 0.00 43.75 20.71
CA LYS A 262 -0.84 43.41 19.59
C LYS A 262 -1.11 41.90 19.74
N VAL A 263 -2.37 41.58 19.41
CA VAL A 263 -2.83 40.22 19.31
C VAL A 263 -2.83 39.79 17.84
N LEU A 264 -1.94 38.85 17.54
CA LEU A 264 -1.76 38.24 16.25
C LEU A 264 -2.40 36.83 16.16
N HIS A 265 -2.78 36.36 15.00
CA HIS A 265 -3.45 35.10 14.87
C HIS A 265 -3.32 34.85 13.37
N PRO A 266 -2.75 33.68 13.03
CA PRO A 266 -2.60 33.23 11.64
C PRO A 266 -3.88 33.13 10.80
N LEU A 267 -5.06 32.92 11.45
CA LEU A 267 -6.46 32.80 10.92
C LEU A 267 -6.75 31.44 10.26
N PRO A 268 -7.96 30.88 9.98
CA PRO A 268 -9.26 31.26 10.51
C PRO A 268 -9.33 31.40 12.00
N ARG A 269 -10.28 32.25 12.32
CA ARG A 269 -10.62 32.50 13.69
C ARG A 269 -12.13 32.34 13.69
N VAL A 270 -12.58 31.86 14.83
CA VAL A 270 -13.96 31.53 15.02
C VAL A 270 -14.18 31.75 16.50
N ASP A 271 -13.81 30.79 17.32
CA ASP A 271 -14.00 30.85 18.75
C ASP A 271 -13.04 31.76 19.53
N GLU A 272 -11.74 31.42 19.50
CA GLU A 272 -10.73 32.09 20.29
C GLU A 272 -10.53 33.61 20.34
N ILE A 273 -11.03 34.50 19.49
CA ILE A 273 -10.88 35.94 19.64
C ILE A 273 -12.30 36.41 19.37
N ALA A 274 -12.90 37.12 20.29
CA ALA A 274 -14.28 37.52 20.12
C ALA A 274 -14.33 38.80 19.31
N THR A 275 -15.37 39.05 18.49
CA THR A 275 -15.59 40.30 17.73
C THR A 275 -15.29 41.63 18.38
N ASP A 276 -15.42 41.81 19.72
CA ASP A 276 -15.15 43.08 20.34
C ASP A 276 -13.67 43.35 20.38
N VAL A 277 -12.85 42.31 20.24
CA VAL A 277 -11.41 42.47 20.21
C VAL A 277 -11.07 43.18 18.90
N ASP A 278 -11.99 43.25 17.92
CA ASP A 278 -11.67 43.76 16.61
C ASP A 278 -11.55 45.25 16.64
N LYS A 279 -12.45 45.91 17.37
CA LYS A 279 -12.40 47.36 17.40
C LYS A 279 -11.41 47.87 18.44
N THR A 280 -10.61 47.02 19.02
CA THR A 280 -9.68 47.49 20.02
C THR A 280 -8.45 47.77 19.19
N PRO A 281 -7.62 48.73 19.57
CA PRO A 281 -6.27 48.94 19.01
C PRO A 281 -5.31 47.74 18.98
N HIS A 282 -5.57 46.72 19.83
CA HIS A 282 -4.65 45.62 19.96
C HIS A 282 -4.91 44.58 18.91
N ALA A 283 -5.95 44.74 18.10
CA ALA A 283 -6.32 43.84 17.03
C ALA A 283 -5.37 44.03 15.85
N TRP A 284 -4.57 43.02 15.53
CA TRP A 284 -3.64 43.09 14.46
C TRP A 284 -3.61 41.94 13.47
N TYR A 285 -4.54 41.00 13.56
CA TYR A 285 -4.57 39.82 12.68
C TYR A 285 -5.01 40.04 11.23
N PHE A 286 -5.93 40.98 10.93
CA PHE A 286 -6.18 41.27 9.53
C PHE A 286 -5.01 42.02 8.89
N GLN A 287 -4.34 42.99 9.55
CA GLN A 287 -3.16 43.68 9.02
C GLN A 287 -1.98 42.72 8.90
N GLN A 288 -1.97 41.73 9.81
CA GLN A 288 -1.05 40.60 9.76
C GLN A 288 -1.20 39.81 8.45
N ALA A 289 -2.43 39.62 7.91
CA ALA A 289 -2.72 38.96 6.63
C ALA A 289 -2.25 39.80 5.46
N GLY A 290 -2.56 41.10 5.54
CA GLY A 290 -2.04 42.13 4.63
C GLY A 290 -0.53 42.06 4.52
N ASN A 291 0.23 41.87 5.61
CA ASN A 291 1.67 41.82 5.53
C ASN A 291 2.20 40.55 4.88
N GLY A 292 1.31 39.58 4.61
CA GLY A 292 1.67 38.39 3.84
C GLY A 292 2.15 38.78 2.43
N ILE A 293 1.50 39.78 1.81
CA ILE A 293 1.82 40.24 0.47
C ILE A 293 3.28 40.72 0.44
N PHE A 294 3.67 41.59 1.34
CA PHE A 294 5.03 42.10 1.35
C PHE A 294 6.05 41.04 1.70
N ALA A 295 5.79 40.14 2.65
CA ALA A 295 6.69 39.06 2.99
C ALA A 295 6.81 38.21 1.74
N ARG A 296 5.73 37.67 1.18
CA ARG A 296 5.77 36.86 -0.04
C ARG A 296 6.38 37.52 -1.30
N GLN A 297 6.17 38.83 -1.50
CA GLN A 297 6.74 39.62 -2.60
C GLN A 297 8.24 39.70 -2.46
N ALA A 298 8.69 39.97 -1.23
CA ALA A 298 10.10 40.05 -0.97
C ALA A 298 10.74 38.72 -1.37
N LEU A 299 10.18 37.61 -0.87
CA LEU A 299 10.72 36.25 -1.05
C LEU A 299 10.77 35.85 -2.52
N LEU A 300 9.72 36.07 -3.30
CA LEU A 300 9.82 35.90 -4.74
C LEU A 300 10.82 36.89 -5.40
N ALA A 301 10.99 38.15 -4.94
CA ALA A 301 11.91 39.06 -5.59
C ALA A 301 13.36 38.63 -5.39
N LEU A 302 13.75 38.29 -4.16
CA LEU A 302 15.11 37.86 -3.86
C LEU A 302 15.52 36.53 -4.49
N VAL A 303 14.65 35.51 -4.44
CA VAL A 303 14.93 34.19 -4.98
C VAL A 303 15.03 34.25 -6.49
N LEU A 304 14.20 35.07 -7.10
CA LEU A 304 14.19 35.20 -8.54
C LEU A 304 15.02 36.35 -9.09
N ASN A 305 15.54 37.29 -8.28
CA ASN A 305 16.38 38.35 -8.80
C ASN A 305 17.76 38.48 -8.19
N ARG A 306 18.69 38.54 -9.12
CA ARG A 306 20.12 38.54 -8.86
C ARG A 306 20.56 39.52 -7.78
N ASP A 307 20.53 40.78 -8.15
CA ASP A 307 20.99 41.90 -7.34
C ASP A 307 19.62 42.56 -7.18
N LEU A 308 19.11 42.83 -5.99
CA LEU A 308 17.79 43.43 -5.93
C LEU A 308 17.98 44.88 -5.57
N VAL A 309 17.62 45.75 -6.52
CA VAL A 309 17.72 47.20 -6.29
C VAL A 309 16.33 47.69 -5.93
N LEU A 310 16.33 48.17 -4.70
CA LEU A 310 15.22 48.79 -4.00
C LEU A 310 15.90 49.71 -2.98
N GLY B 8 37.05 -18.90 13.28
CA GLY B 8 37.88 -18.49 12.15
C GLY B 8 37.57 -19.45 11.01
N VAL B 9 37.99 -19.14 9.78
CA VAL B 9 37.82 -20.06 8.66
C VAL B 9 39.32 -20.33 8.39
N GLU B 10 40.07 -19.46 7.67
CA GLU B 10 41.55 -19.52 7.56
C GLU B 10 42.05 -18.17 7.00
N ALA B 11 42.68 -17.93 5.83
CA ALA B 11 43.20 -16.60 5.47
C ALA B 11 42.99 -16.18 4.02
N ILE B 12 42.88 -14.88 3.77
CA ILE B 12 42.66 -14.43 2.42
C ILE B 12 43.85 -13.62 1.94
N LYS B 13 43.97 -13.64 0.63
CA LYS B 13 44.91 -12.77 -0.03
C LYS B 13 44.00 -11.68 -0.56
N ARG B 14 44.28 -10.53 0.07
CA ARG B 14 43.74 -9.21 -0.27
C ARG B 14 42.28 -9.02 0.04
N GLY B 15 41.87 -7.99 0.76
CA GLY B 15 40.44 -7.76 1.00
C GLY B 15 40.10 -7.37 2.42
N THR B 16 38.81 -7.38 2.74
CA THR B 16 38.37 -6.94 4.05
C THR B 16 37.88 -8.13 4.84
N VAL B 17 38.20 -8.15 6.13
CA VAL B 17 37.63 -9.11 7.05
C VAL B 17 37.01 -8.25 8.12
N ILE B 18 35.69 -8.35 8.21
CA ILE B 18 34.93 -7.66 9.23
C ILE B 18 34.82 -8.81 10.20
N ASP B 19 35.22 -8.57 11.43
CA ASP B 19 35.13 -9.63 12.41
C ASP B 19 34.48 -9.06 13.66
N HIS B 20 33.85 -9.99 14.36
CA HIS B 20 33.24 -9.76 15.67
C HIS B 20 32.06 -8.79 15.61
N ILE B 21 31.22 -9.24 14.68
CA ILE B 21 29.89 -8.71 14.43
C ILE B 21 29.11 -9.50 15.47
N PRO B 22 28.13 -9.00 16.23
CA PRO B 22 27.49 -9.71 17.33
C PRO B 22 27.07 -11.17 17.06
N ALA B 23 25.91 -11.46 16.51
CA ALA B 23 25.42 -12.81 16.15
C ALA B 23 23.99 -12.45 15.78
N GLN B 24 23.50 -13.06 14.68
CA GLN B 24 22.26 -12.73 13.97
C GLN B 24 22.26 -11.30 13.34
N ILE B 25 23.25 -10.42 13.61
CA ILE B 25 23.48 -9.17 12.89
C ILE B 25 24.25 -9.36 11.55
N GLY B 26 25.03 -10.43 11.48
CA GLY B 26 25.81 -10.82 10.29
C GLY B 26 24.97 -10.92 9.02
N PHE B 27 23.83 -11.63 9.03
CA PHE B 27 23.03 -11.70 7.83
C PHE B 27 22.44 -10.34 7.41
N LYS B 28 21.96 -9.62 8.44
CA LYS B 28 21.41 -8.28 8.34
C LYS B 28 22.44 -7.44 7.57
N LEU B 29 23.69 -7.37 8.03
CA LEU B 29 24.72 -6.64 7.31
C LEU B 29 24.88 -7.14 5.88
N LEU B 30 24.99 -8.43 5.60
CA LEU B 30 25.08 -8.89 4.23
C LEU B 30 23.92 -8.43 3.33
N SER B 31 22.72 -8.43 3.85
CA SER B 31 21.58 -8.08 3.04
C SER B 31 21.42 -6.57 2.93
N LEU B 32 21.23 -5.87 4.06
CA LEU B 32 21.04 -4.42 4.15
C LEU B 32 22.01 -3.58 3.29
N PHE B 33 23.29 -3.88 3.47
CA PHE B 33 24.30 -3.11 2.79
C PHE B 33 24.80 -3.83 1.55
N LYS B 34 24.01 -4.75 0.99
CA LYS B 34 24.35 -5.46 -0.23
C LYS B 34 25.74 -6.05 -0.45
N LEU B 35 26.46 -6.49 0.59
CA LEU B 35 27.83 -6.96 0.42
C LEU B 35 28.00 -8.13 -0.54
N THR B 36 26.90 -8.82 -0.65
CA THR B 36 26.72 -9.99 -1.45
C THR B 36 26.57 -9.80 -2.95
N GLU B 37 26.50 -8.58 -3.49
CA GLU B 37 26.40 -8.46 -4.96
C GLU B 37 27.71 -8.15 -5.71
N THR B 38 28.81 -8.79 -5.27
CA THR B 38 30.16 -8.67 -5.82
C THR B 38 30.39 -9.95 -6.63
N ASP B 39 31.44 -10.02 -7.45
CA ASP B 39 31.79 -11.29 -8.07
C ASP B 39 32.93 -11.99 -7.35
N GLN B 40 33.52 -11.29 -6.36
CA GLN B 40 34.60 -11.86 -5.57
C GLN B 40 34.18 -12.85 -4.49
N ARG B 41 35.06 -13.77 -4.16
CA ARG B 41 34.72 -14.80 -3.24
C ARG B 41 34.59 -14.27 -1.82
N ILE B 42 33.37 -14.31 -1.32
CA ILE B 42 33.02 -13.89 0.02
C ILE B 42 32.91 -15.21 0.78
N THR B 43 33.51 -15.40 1.95
CA THR B 43 33.21 -16.58 2.73
C THR B 43 32.70 -15.98 4.05
N ILE B 44 31.82 -16.70 4.74
CA ILE B 44 31.13 -16.16 5.89
C ILE B 44 31.07 -17.27 6.91
N GLY B 45 31.18 -16.83 8.17
CA GLY B 45 31.05 -17.68 9.34
C GLY B 45 29.96 -17.03 10.18
N LEU B 46 28.92 -17.79 10.53
CA LEU B 46 27.79 -17.30 11.30
C LEU B 46 27.78 -18.16 12.53
N ASN B 47 27.89 -17.48 13.67
CA ASN B 47 27.91 -18.02 15.00
C ASN B 47 29.16 -18.88 15.16
N LEU B 48 30.30 -18.20 15.30
CA LEU B 48 31.62 -18.80 15.54
C LEU B 48 32.02 -18.65 17.02
N PRO B 49 33.16 -19.08 17.60
CA PRO B 49 34.19 -18.20 18.22
C PRO B 49 35.57 -18.07 17.50
N SER B 50 36.30 -16.96 17.78
CA SER B 50 37.70 -16.59 17.39
C SER B 50 37.85 -15.06 17.34
N GLY B 51 37.41 -14.47 18.45
CA GLY B 51 37.38 -13.05 18.69
C GLY B 51 36.58 -13.05 19.95
N GLU B 52 37.26 -12.90 21.09
CA GLU B 52 36.68 -13.08 22.42
C GLU B 52 35.34 -12.44 22.76
N MET B 53 34.49 -13.36 23.26
CA MET B 53 33.12 -13.12 23.71
C MET B 53 32.46 -14.49 23.93
N GLY B 54 32.37 -15.26 22.85
CA GLY B 54 31.69 -16.54 22.78
C GLY B 54 31.37 -16.58 21.31
N ARG B 55 30.10 -16.43 20.94
CA ARG B 55 29.72 -16.41 19.53
C ARG B 55 29.70 -15.04 18.87
N LYS B 56 30.10 -15.07 17.60
CA LYS B 56 30.10 -13.92 16.73
C LYS B 56 29.96 -14.28 15.25
N ASP B 57 29.97 -13.29 14.35
CA ASP B 57 29.92 -13.51 12.92
C ASP B 57 31.17 -12.88 12.31
N LEU B 58 31.45 -13.31 11.11
CA LEU B 58 32.64 -12.89 10.42
C LEU B 58 32.31 -12.84 8.94
N ILE B 59 32.71 -11.78 8.23
CA ILE B 59 32.51 -11.70 6.79
C ILE B 59 33.87 -11.38 6.15
N LYS B 60 34.32 -12.27 5.29
CA LYS B 60 35.59 -12.06 4.61
C LYS B 60 35.22 -11.84 3.13
N ILE B 61 35.51 -10.64 2.60
CA ILE B 61 35.19 -10.26 1.22
C ILE B 61 36.56 -10.02 0.64
N GLU B 62 36.96 -10.73 -0.40
CA GLU B 62 38.28 -10.44 -0.89
C GLU B 62 38.28 -9.58 -2.12
N ASN B 63 39.42 -8.90 -2.22
CA ASN B 63 39.75 -7.95 -3.27
C ASN B 63 38.82 -6.75 -3.27
N THR B 64 38.20 -6.51 -2.13
CA THR B 64 37.32 -5.38 -1.93
C THR B 64 37.78 -4.86 -0.57
N PHE B 65 37.86 -3.54 -0.39
CA PHE B 65 38.22 -2.94 0.88
C PHE B 65 37.17 -1.85 1.12
N LEU B 66 36.78 -1.57 2.38
CA LEU B 66 35.73 -0.61 2.61
C LEU B 66 36.19 0.80 2.95
N SER B 67 35.51 1.77 2.34
CA SER B 67 35.77 3.17 2.63
C SER B 67 35.37 3.49 4.04
N GLU B 68 36.10 4.43 4.59
CA GLU B 68 35.87 5.11 5.86
C GLU B 68 34.39 5.19 6.25
N ASP B 69 33.55 5.69 5.32
CA ASP B 69 32.13 5.80 5.60
C ASP B 69 31.42 4.48 5.58
N GLN B 70 31.80 3.54 4.71
CA GLN B 70 31.15 2.22 4.64
C GLN B 70 31.36 1.46 5.93
N VAL B 71 32.56 1.62 6.48
CA VAL B 71 32.91 1.09 7.79
C VAL B 71 31.94 1.68 8.80
N ASP B 72 31.80 3.01 8.82
CA ASP B 72 30.93 3.69 9.76
C ASP B 72 29.46 3.38 9.61
N GLN B 73 29.02 3.01 8.43
CA GLN B 73 27.66 2.55 8.27
C GLN B 73 27.34 1.39 9.21
N LEU B 74 28.32 0.49 9.39
CA LEU B 74 28.11 -0.67 10.23
C LEU B 74 27.88 -0.28 11.68
N ALA B 75 28.26 0.92 12.15
CA ALA B 75 28.19 1.28 13.56
C ALA B 75 26.83 1.16 14.25
N LEU B 76 25.67 1.30 13.58
CA LEU B 76 24.41 1.11 14.30
C LEU B 76 24.10 -0.36 14.62
N TYR B 77 24.64 -1.25 13.77
CA TYR B 77 24.38 -2.68 13.87
C TYR B 77 25.50 -3.37 14.60
N ALA B 78 26.69 -3.20 14.06
CA ALA B 78 27.87 -3.86 14.51
C ALA B 78 28.85 -3.16 15.43
N PRO B 79 28.69 -2.05 16.15
CA PRO B 79 29.79 -1.17 16.62
C PRO B 79 31.12 -1.69 17.23
N GLN B 80 31.20 -2.97 17.65
CA GLN B 80 32.39 -3.62 18.16
C GLN B 80 33.24 -4.19 17.01
N ALA B 81 32.61 -4.38 15.85
CA ALA B 81 33.20 -4.99 14.69
C ALA B 81 34.49 -4.35 14.23
N THR B 82 35.47 -5.15 13.88
CA THR B 82 36.72 -4.58 13.44
C THR B 82 36.87 -4.90 11.97
N VAL B 83 37.27 -3.84 11.28
CA VAL B 83 37.34 -3.87 9.82
C VAL B 83 38.80 -3.89 9.40
N ASN B 84 39.24 -5.15 9.22
CA ASN B 84 40.62 -5.49 8.90
C ASN B 84 40.80 -5.36 7.44
N ARG B 85 41.76 -4.52 7.13
CA ARG B 85 42.20 -4.29 5.77
C ARG B 85 43.38 -5.27 5.61
N ILE B 86 43.25 -6.27 4.73
CA ILE B 86 44.23 -7.34 4.57
C ILE B 86 44.94 -7.30 3.22
N ASP B 87 46.27 -7.28 3.26
CA ASP B 87 47.08 -7.31 2.05
C ASP B 87 48.07 -8.41 2.31
N ASN B 88 48.26 -9.24 1.29
CA ASN B 88 49.17 -10.38 1.29
C ASN B 88 49.28 -11.23 2.57
N TYR B 89 48.14 -11.73 3.07
CA TYR B 89 47.93 -12.55 4.27
C TYR B 89 48.15 -11.87 5.61
N GLU B 90 48.60 -10.60 5.63
CA GLU B 90 48.63 -9.88 6.88
C GLU B 90 47.84 -8.57 6.88
N VAL B 91 47.34 -8.38 8.10
CA VAL B 91 46.45 -7.28 8.42
C VAL B 91 47.28 -6.01 8.39
N VAL B 92 47.25 -5.33 7.25
CA VAL B 92 47.97 -4.09 7.16
C VAL B 92 47.06 -2.98 7.76
N GLY B 93 45.89 -3.18 8.38
CA GLY B 93 45.12 -2.10 9.01
C GLY B 93 43.85 -2.57 9.74
N LYS B 94 43.45 -1.91 10.84
CA LYS B 94 42.24 -2.28 11.61
C LYS B 94 41.39 -1.07 11.99
N SER B 95 40.16 -0.93 11.46
CA SER B 95 39.28 0.18 11.79
C SER B 95 38.10 -0.28 12.65
N ARG B 96 37.43 0.65 13.31
CA ARG B 96 36.25 0.34 14.09
C ARG B 96 35.16 1.26 13.58
N PRO B 97 33.97 0.79 13.27
CA PRO B 97 32.81 1.62 13.12
C PRO B 97 32.65 2.64 14.23
N SER B 98 32.41 3.86 13.80
CA SER B 98 32.13 5.00 14.64
C SER B 98 30.86 5.66 14.08
N LEU B 99 30.15 6.54 14.81
CA LEU B 99 28.91 7.12 14.30
C LEU B 99 29.16 8.11 13.14
N PRO B 100 28.56 7.93 11.97
CA PRO B 100 28.58 8.92 10.91
C PRO B 100 27.56 10.01 11.25
N GLU B 101 27.45 11.13 10.51
CA GLU B 101 26.39 12.07 10.83
C GLU B 101 25.18 11.89 9.92
N ARG B 102 25.18 10.93 8.99
CA ARG B 102 24.08 10.74 8.07
C ARG B 102 24.03 9.27 7.75
N ILE B 103 22.83 8.65 7.72
CA ILE B 103 22.68 7.23 7.36
C ILE B 103 21.73 7.01 6.17
N ASP B 104 22.34 7.02 5.01
CA ASP B 104 21.57 6.83 3.81
C ASP B 104 21.05 5.44 3.61
N ASN B 105 19.88 5.47 2.98
CA ASN B 105 19.24 4.30 2.38
C ASN B 105 18.76 3.15 3.19
N VAL B 106 19.19 3.02 4.44
CA VAL B 106 19.00 1.80 5.17
C VAL B 106 17.85 1.80 6.18
N LEU B 107 17.36 2.99 6.54
CA LEU B 107 16.30 3.10 7.54
C LEU B 107 14.98 3.56 6.90
N VAL B 108 13.87 3.28 7.58
CA VAL B 108 12.54 3.68 7.12
C VAL B 108 12.02 4.60 8.19
N CYS B 109 11.80 5.82 7.70
CA CYS B 109 11.22 6.87 8.50
C CYS B 109 9.94 6.32 9.16
N PRO B 110 9.87 6.44 10.48
CA PRO B 110 8.71 6.08 11.27
C PRO B 110 7.45 6.82 10.89
N ASN B 111 7.58 8.04 10.39
CA ASN B 111 6.42 8.87 10.13
C ASN B 111 5.66 8.39 8.90
N SER B 112 4.46 7.84 9.09
CA SER B 112 3.63 7.30 8.01
C SER B 112 3.20 8.33 6.97
N ASN B 113 3.18 9.63 7.31
CA ASN B 113 2.77 10.67 6.37
C ASN B 113 3.97 11.36 5.78
N CYS B 114 5.17 10.86 5.99
CA CYS B 114 6.35 11.42 5.37
C CYS B 114 6.31 10.98 3.90
N ILE B 115 6.73 11.87 2.99
CA ILE B 115 6.68 11.63 1.55
C ILE B 115 7.72 10.58 1.14
N SER B 116 8.74 10.27 1.94
CA SER B 116 9.82 9.34 1.61
C SER B 116 9.38 7.96 1.13
N HIS B 117 8.18 7.66 1.64
CA HIS B 117 7.54 6.39 1.43
C HIS B 117 7.12 6.15 0.01
N ALA B 118 6.26 7.04 -0.45
CA ALA B 118 5.63 6.91 -1.74
C ALA B 118 6.62 7.03 -2.88
N GLU B 119 7.83 7.52 -2.60
CA GLU B 119 8.60 8.04 -3.70
C GLU B 119 9.94 7.45 -4.02
N PRO B 120 10.44 7.60 -5.27
CA PRO B 120 11.81 7.25 -5.66
C PRO B 120 12.98 8.02 -5.00
N VAL B 121 12.96 8.17 -3.68
CA VAL B 121 14.04 8.81 -2.97
C VAL B 121 14.55 7.81 -1.95
N SER B 122 15.84 7.92 -1.76
CA SER B 122 16.54 7.15 -0.75
C SER B 122 16.33 7.85 0.58
N SER B 123 16.14 7.12 1.65
CA SER B 123 16.01 7.73 2.95
C SER B 123 17.37 8.31 3.35
N SER B 124 17.38 9.27 4.27
CA SER B 124 18.59 9.84 4.79
C SER B 124 18.12 10.43 6.11
N PHE B 125 18.96 10.20 7.11
CA PHE B 125 18.67 10.60 8.45
C PHE B 125 19.89 11.32 8.98
N ALA B 126 19.67 12.29 9.84
CA ALA B 126 20.75 12.97 10.53
C ALA B 126 20.91 12.31 11.89
N VAL B 127 22.11 11.84 12.12
CA VAL B 127 22.42 11.20 13.40
C VAL B 127 22.92 12.23 14.40
N ARG B 128 22.54 12.12 15.68
CA ARG B 128 23.22 12.88 16.70
C ARG B 128 23.13 12.20 18.06
N LYS B 129 23.99 12.76 18.95
CA LYS B 129 24.25 12.40 20.35
C LYS B 129 25.24 11.23 20.26
N ARG B 130 25.48 10.37 21.25
CA ARG B 130 26.36 9.20 21.15
C ARG B 130 26.17 8.37 22.42
N ALA B 131 26.49 7.06 22.35
CA ALA B 131 26.41 6.09 23.43
C ALA B 131 25.00 5.85 24.01
N ASN B 132 24.38 6.85 24.67
CA ASN B 132 23.07 6.78 25.34
C ASN B 132 21.80 6.60 24.47
N ASP B 133 21.48 7.58 23.65
CA ASP B 133 20.33 7.54 22.78
C ASP B 133 20.86 8.16 21.51
N ILE B 134 20.51 7.56 20.40
CA ILE B 134 20.90 8.12 19.13
C ILE B 134 19.58 8.56 18.54
N ALA B 135 19.55 9.86 18.24
CA ALA B 135 18.40 10.53 17.65
C ALA B 135 18.67 10.66 16.18
N LEU B 136 17.71 10.12 15.44
CA LEU B 136 17.78 10.09 13.99
C LEU B 136 16.69 10.95 13.44
N LYS B 137 17.08 12.04 12.77
CA LYS B 137 16.18 13.03 12.16
C LYS B 137 16.00 12.92 10.64
N CYS B 138 14.78 12.88 10.13
CA CYS B 138 14.51 12.76 8.71
C CYS B 138 14.90 14.01 7.88
N LYS B 139 15.50 13.69 6.74
CA LYS B 139 15.86 14.66 5.75
C LYS B 139 14.64 15.45 5.30
N TYR B 140 13.55 14.68 5.08
CA TYR B 140 12.34 15.21 4.47
C TYR B 140 11.28 15.73 5.42
N CYS B 141 10.68 14.86 6.26
CA CYS B 141 9.69 15.37 7.14
C CYS B 141 10.38 16.13 8.26
N GLU B 142 11.71 16.09 8.38
CA GLU B 142 12.43 16.75 9.45
C GLU B 142 11.95 16.34 10.86
N LYS B 143 11.21 15.22 11.05
CA LYS B 143 10.78 14.72 12.35
C LYS B 143 11.92 13.88 12.89
N GLU B 144 12.07 13.89 14.24
CA GLU B 144 13.17 13.20 14.90
C GLU B 144 12.71 11.98 15.65
N PHE B 145 13.43 10.87 15.67
CA PHE B 145 12.99 9.68 16.29
C PHE B 145 14.16 9.10 17.04
N SER B 146 13.85 8.32 18.08
CA SER B 146 14.90 7.55 18.71
C SER B 146 15.24 6.42 17.74
N HIS B 147 16.54 6.12 17.61
CA HIS B 147 16.99 5.02 16.78
C HIS B 147 16.29 3.70 17.13
N ASN B 148 15.74 3.49 18.34
CA ASN B 148 14.97 2.29 18.71
C ASN B 148 13.78 2.15 17.80
N VAL B 149 13.02 3.24 17.75
CA VAL B 149 11.77 3.30 17.03
C VAL B 149 12.00 3.23 15.55
N VAL B 150 13.12 3.79 15.05
CA VAL B 150 13.40 3.73 13.60
C VAL B 150 13.66 2.29 13.17
N LEU B 151 14.45 1.58 14.01
CA LEU B 151 14.79 0.17 13.82
C LEU B 151 13.64 -0.66 14.39
N ALA B 152 12.52 -0.63 13.67
CA ALA B 152 11.30 -1.36 14.04
C ALA B 152 10.66 -2.11 12.86
N ASN B 153 10.08 -1.40 11.87
CA ASN B 153 9.48 -1.98 10.67
C ASN B 153 9.32 -0.83 9.65
N ALA C 1 -23.52 -39.21 7.00
CA ALA C 1 -23.36 -37.82 6.63
C ALA C 1 -23.56 -37.96 5.14
N ASN C 2 -24.26 -37.01 4.52
CA ASN C 2 -24.31 -36.96 3.05
C ASN C 2 -22.91 -36.40 2.62
N PRO C 3 -22.34 -36.47 1.42
CA PRO C 3 -20.94 -36.17 1.18
C PRO C 3 -20.56 -34.69 1.23
N LEU C 4 -21.53 -33.77 1.06
CA LEU C 4 -21.31 -32.33 1.10
C LEU C 4 -21.61 -31.84 2.50
N TYR C 5 -21.91 -32.71 3.46
CA TYR C 5 -22.32 -32.28 4.77
C TYR C 5 -21.11 -31.61 5.36
N GLN C 6 -21.35 -30.35 5.73
CA GLN C 6 -20.39 -29.46 6.32
C GLN C 6 -19.28 -28.96 5.43
N LYS C 7 -19.42 -29.13 4.12
CA LYS C 7 -18.42 -28.61 3.20
C LYS C 7 -18.65 -27.15 2.89
N HIS C 8 -17.50 -26.52 2.61
CA HIS C 8 -17.41 -25.15 2.17
C HIS C 8 -17.55 -25.23 0.63
N ILE C 9 -18.48 -24.53 -0.05
CA ILE C 9 -18.63 -24.53 -1.52
C ILE C 9 -18.03 -23.24 -2.12
N ILE C 10 -16.81 -23.42 -2.55
CA ILE C 10 -16.02 -22.32 -3.00
C ILE C 10 -15.78 -22.38 -4.49
N SER C 11 -15.57 -23.53 -5.13
CA SER C 11 -15.30 -23.53 -6.55
C SER C 11 -15.93 -24.71 -7.24
N ILE C 12 -16.20 -24.66 -8.56
CA ILE C 12 -16.76 -25.79 -9.30
C ILE C 12 -15.74 -26.91 -9.41
N ASN C 13 -14.48 -26.55 -9.44
CA ASN C 13 -13.44 -27.53 -9.65
C ASN C 13 -13.16 -28.50 -8.52
N ASP C 14 -13.66 -28.04 -7.36
CA ASP C 14 -13.59 -28.77 -6.13
C ASP C 14 -14.67 -29.84 -6.13
N LEU C 15 -15.70 -29.73 -6.97
CA LEU C 15 -16.83 -30.65 -6.94
C LEU C 15 -16.72 -31.65 -8.06
N SER C 16 -17.07 -32.88 -7.69
CA SER C 16 -17.02 -33.99 -8.59
C SER C 16 -18.32 -34.06 -9.40
N ARG C 17 -18.36 -35.00 -10.34
CA ARG C 17 -19.54 -35.21 -11.13
C ARG C 17 -20.68 -35.63 -10.20
N ASP C 18 -20.30 -36.42 -9.22
CA ASP C 18 -21.28 -36.99 -8.33
C ASP C 18 -21.79 -35.95 -7.40
N ASP C 19 -20.93 -35.16 -6.76
CA ASP C 19 -21.38 -34.00 -6.01
C ASP C 19 -22.27 -33.16 -6.89
N LEU C 20 -21.96 -32.85 -8.17
CA LEU C 20 -22.88 -32.11 -9.03
C LEU C 20 -24.20 -32.83 -9.26
N ASN C 21 -24.26 -34.14 -9.45
CA ASN C 21 -25.55 -34.78 -9.63
C ASN C 21 -26.21 -34.81 -8.28
N LEU C 22 -25.51 -34.77 -7.16
CA LEU C 22 -26.19 -34.79 -5.88
C LEU C 22 -26.93 -33.50 -5.63
N VAL C 23 -26.32 -32.35 -5.82
CA VAL C 23 -26.93 -31.04 -5.61
C VAL C 23 -28.13 -30.96 -6.54
N LEU C 24 -28.00 -31.40 -7.80
CA LEU C 24 -29.05 -31.28 -8.82
C LEU C 24 -30.23 -32.23 -8.65
N ALA C 25 -30.01 -33.32 -7.93
CA ALA C 25 -31.07 -34.29 -7.67
C ALA C 25 -31.92 -33.82 -6.52
N THR C 26 -31.26 -33.26 -5.53
CA THR C 26 -31.91 -32.61 -4.41
C THR C 26 -32.71 -31.41 -4.87
N ALA C 27 -32.23 -30.59 -5.79
CA ALA C 27 -32.94 -29.40 -6.16
C ALA C 27 -34.25 -29.76 -6.80
N ALA C 28 -34.21 -30.84 -7.57
CA ALA C 28 -35.39 -31.43 -8.21
C ALA C 28 -36.47 -31.86 -7.18
N LYS C 29 -35.98 -32.56 -6.17
CA LYS C 29 -36.80 -33.07 -5.11
C LYS C 29 -37.33 -31.93 -4.26
N LEU C 30 -36.58 -30.87 -3.99
CA LEU C 30 -37.08 -29.75 -3.21
C LEU C 30 -38.00 -28.90 -4.08
N LYS C 31 -37.89 -28.92 -5.40
CA LYS C 31 -38.86 -28.19 -6.20
C LYS C 31 -40.20 -28.94 -6.16
N ALA C 32 -40.13 -30.26 -6.26
CA ALA C 32 -41.34 -31.08 -6.18
C ALA C 32 -42.00 -31.08 -4.79
N ASN C 33 -41.14 -31.24 -3.76
CA ASN C 33 -41.49 -31.46 -2.37
C ASN C 33 -40.92 -30.46 -1.36
N PRO C 34 -41.50 -29.31 -1.15
CA PRO C 34 -40.97 -28.23 -0.33
C PRO C 34 -40.82 -28.55 1.13
N GLN C 35 -39.71 -28.11 1.68
CA GLN C 35 -39.27 -28.48 3.02
C GLN C 35 -39.12 -27.28 3.93
N PRO C 36 -40.19 -26.58 4.30
CA PRO C 36 -40.16 -25.23 4.83
C PRO C 36 -39.69 -25.00 6.28
N GLU C 37 -39.47 -26.05 7.07
CA GLU C 37 -39.01 -25.95 8.43
C GLU C 37 -37.68 -26.69 8.56
N LEU C 38 -37.02 -27.06 7.46
CA LEU C 38 -35.79 -27.84 7.54
C LEU C 38 -34.62 -27.12 8.18
N LEU C 39 -34.40 -25.84 7.92
CA LEU C 39 -33.29 -25.12 8.52
C LEU C 39 -33.80 -24.22 9.63
N LYS C 40 -34.98 -24.50 10.22
CA LYS C 40 -35.51 -23.63 11.26
C LYS C 40 -34.53 -23.61 12.41
N HIS C 41 -34.42 -22.42 13.01
CA HIS C 41 -33.50 -22.14 14.13
C HIS C 41 -32.05 -22.06 13.68
N LYS C 42 -31.75 -22.15 12.39
CA LYS C 42 -30.39 -21.98 11.89
C LYS C 42 -30.34 -20.51 11.54
N VAL C 43 -29.22 -19.79 11.75
CA VAL C 43 -29.06 -18.40 11.32
C VAL C 43 -27.96 -18.48 10.27
N ILE C 44 -28.18 -17.82 9.11
CA ILE C 44 -27.22 -17.81 8.03
C ILE C 44 -26.75 -16.36 7.86
N ALA C 45 -25.44 -16.04 7.80
CA ALA C 45 -24.97 -14.69 7.49
C ALA C 45 -24.98 -14.53 5.97
N SER C 46 -25.52 -13.43 5.47
CA SER C 46 -25.52 -13.09 4.09
C SER C 46 -24.59 -11.84 4.04
N CYS C 47 -23.32 -12.03 3.80
CA CYS C 47 -22.34 -10.97 3.77
C CYS C 47 -22.04 -10.53 2.35
N PHE C 48 -22.76 -9.60 1.78
CA PHE C 48 -22.45 -9.18 0.42
C PHE C 48 -21.54 -7.97 0.48
N PHE C 49 -20.22 -8.10 0.52
CA PHE C 49 -19.33 -6.95 0.63
C PHE C 49 -19.30 -6.19 -0.71
N GLU C 50 -19.64 -6.91 -1.76
CA GLU C 50 -19.86 -6.35 -3.06
C GLU C 50 -21.33 -6.68 -3.18
N ALA C 51 -22.02 -5.61 -3.47
CA ALA C 51 -23.44 -5.62 -3.62
C ALA C 51 -23.77 -6.16 -4.97
N SER C 52 -24.47 -7.30 -4.93
CA SER C 52 -25.15 -7.85 -6.05
C SER C 52 -26.56 -8.26 -5.64
N THR C 53 -27.54 -7.36 -5.81
CA THR C 53 -28.92 -7.56 -5.44
C THR C 53 -29.55 -8.83 -5.93
N ARG C 54 -29.47 -9.24 -7.18
CA ARG C 54 -30.12 -10.47 -7.56
C ARG C 54 -29.58 -11.72 -6.92
N THR C 55 -28.27 -11.87 -6.90
CA THR C 55 -27.73 -13.05 -6.22
C THR C 55 -28.17 -13.06 -4.75
N ARG C 56 -28.17 -11.90 -4.07
CA ARG C 56 -28.58 -11.73 -2.69
C ARG C 56 -30.02 -12.08 -2.43
N LEU C 57 -30.99 -11.40 -3.06
CA LEU C 57 -32.37 -11.74 -2.94
C LEU C 57 -32.62 -13.20 -3.28
N SER C 58 -31.96 -13.82 -4.26
CA SER C 58 -32.20 -15.24 -4.51
C SER C 58 -31.74 -16.17 -3.36
N PHE C 59 -30.55 -15.87 -2.85
CA PHE C 59 -29.93 -16.59 -1.77
C PHE C 59 -30.76 -16.43 -0.54
N GLN C 60 -31.11 -15.21 -0.10
CA GLN C 60 -31.96 -15.03 1.09
C GLN C 60 -33.40 -15.47 0.83
N THR C 61 -34.02 -15.63 -0.36
CA THR C 61 -35.36 -16.13 -0.44
C THR C 61 -35.17 -17.62 -0.19
N SER C 62 -34.17 -18.29 -0.79
CA SER C 62 -33.85 -19.69 -0.52
C SER C 62 -33.74 -20.05 0.95
N MET C 63 -32.97 -19.27 1.71
CA MET C 63 -32.77 -19.46 3.12
C MET C 63 -34.11 -19.35 3.79
N HIS C 64 -34.95 -18.41 3.37
CA HIS C 64 -36.26 -18.29 4.00
C HIS C 64 -37.19 -19.45 3.65
N ARG C 65 -37.00 -20.16 2.56
CA ARG C 65 -37.92 -21.21 2.20
C ARG C 65 -37.60 -22.51 2.93
N LEU C 66 -36.53 -22.53 3.70
CA LEU C 66 -36.26 -23.66 4.54
C LEU C 66 -36.33 -23.12 5.96
N GLY C 67 -36.91 -21.95 6.22
CA GLY C 67 -37.08 -21.44 7.56
C GLY C 67 -35.83 -21.01 8.33
N ALA C 68 -34.70 -20.81 7.65
CA ALA C 68 -33.54 -20.28 8.35
C ALA C 68 -33.72 -18.78 8.65
N SER C 69 -33.03 -18.16 9.61
CA SER C 69 -33.07 -16.70 9.76
C SER C 69 -31.85 -16.17 9.03
N VAL C 70 -31.98 -14.97 8.50
CA VAL C 70 -30.89 -14.35 7.78
C VAL C 70 -30.46 -13.07 8.51
N VAL C 71 -29.14 -12.84 8.69
CA VAL C 71 -28.55 -11.59 9.21
C VAL C 71 -27.48 -11.23 8.15
N GLY C 72 -26.94 -10.05 7.98
CA GLY C 72 -25.98 -9.84 6.94
C GLY C 72 -26.03 -8.41 6.53
N PHE C 73 -25.48 -8.10 5.36
CA PHE C 73 -25.35 -6.74 4.87
C PHE C 73 -24.95 -6.73 3.38
N SER C 74 -24.98 -5.57 2.74
CA SER C 74 -24.41 -5.34 1.42
C SER C 74 -23.57 -4.09 1.65
N ASP C 75 -22.26 -4.19 1.39
CA ASP C 75 -21.37 -3.07 1.54
C ASP C 75 -21.45 -2.47 0.14
N SER C 76 -20.40 -2.23 -0.65
CA SER C 76 -20.46 -1.32 -1.80
C SER C 76 -21.02 0.01 -1.23
N ALA C 77 -22.32 0.17 -0.91
CA ALA C 77 -22.90 1.33 -0.21
C ALA C 77 -22.39 1.53 1.23
N ASN C 78 -21.43 0.69 1.65
CA ASN C 78 -20.70 0.73 2.92
C ASN C 78 -21.48 0.52 4.21
N THR C 79 -20.73 -0.06 5.14
CA THR C 79 -21.22 -0.34 6.46
C THR C 79 -20.18 0.21 7.43
N SER C 80 -19.17 -0.60 7.80
CA SER C 80 -18.10 -0.22 8.74
C SER C 80 -16.89 -1.15 8.59
N LEU C 81 -17.13 -2.43 8.33
CA LEU C 81 -16.06 -3.42 8.17
C LEU C 81 -15.45 -3.27 6.78
N GLY C 82 -14.24 -3.77 6.61
CA GLY C 82 -13.55 -3.62 5.34
C GLY C 82 -12.51 -2.52 5.54
N LYS C 83 -12.87 -1.41 6.17
CA LYS C 83 -11.92 -0.35 6.43
C LYS C 83 -11.51 -0.40 7.90
N LYS C 84 -10.58 0.49 8.29
CA LYS C 84 -9.95 0.56 9.62
C LYS C 84 -9.28 -0.72 10.11
N GLY C 85 -8.36 -1.14 9.23
CA GLY C 85 -7.50 -2.31 9.41
C GLY C 85 -8.21 -3.63 9.59
N GLU C 86 -9.52 -3.63 9.60
CA GLU C 86 -10.27 -4.82 9.75
C GLU C 86 -10.05 -5.78 8.62
N THR C 87 -9.04 -6.62 8.85
CA THR C 87 -8.70 -7.67 7.95
C THR C 87 -9.88 -8.64 7.74
N LEU C 88 -10.15 -9.20 6.53
CA LEU C 88 -11.28 -10.10 6.31
C LEU C 88 -11.18 -11.26 7.25
N ALA C 89 -9.98 -11.75 7.56
CA ALA C 89 -9.75 -12.87 8.44
C ALA C 89 -10.41 -12.60 9.76
N ASP C 90 -10.08 -11.48 10.35
CA ASP C 90 -10.65 -11.07 11.62
C ASP C 90 -12.14 -10.90 11.66
N THR C 91 -12.67 -10.36 10.59
CA THR C 91 -14.11 -10.27 10.40
C THR C 91 -14.73 -11.69 10.42
N ILE C 92 -14.20 -12.67 9.68
CA ILE C 92 -14.78 -14.01 9.65
C ILE C 92 -14.64 -14.70 11.01
N SER C 93 -13.48 -14.55 11.68
CA SER C 93 -13.32 -15.11 13.01
C SER C 93 -14.38 -14.52 13.95
N VAL C 94 -14.94 -13.32 13.75
CA VAL C 94 -15.96 -12.82 14.66
C VAL C 94 -17.31 -13.32 14.20
N ILE C 95 -17.64 -13.30 12.92
CA ILE C 95 -18.95 -13.67 12.44
C ILE C 95 -19.34 -15.14 12.65
N SER C 96 -18.40 -16.06 12.55
CA SER C 96 -18.68 -17.46 12.68
C SER C 96 -18.74 -17.93 14.12
N THR C 97 -18.71 -16.96 15.00
CA THR C 97 -18.86 -17.15 16.41
C THR C 97 -20.37 -17.10 16.73
N TYR C 98 -21.28 -16.90 15.75
CA TYR C 98 -22.71 -16.87 16.01
C TYR C 98 -23.72 -17.20 14.91
N VAL C 99 -23.22 -17.37 13.70
CA VAL C 99 -24.00 -17.90 12.59
C VAL C 99 -23.60 -19.38 12.44
N ASP C 100 -24.32 -20.06 11.52
CA ASP C 100 -24.16 -21.49 11.14
C ASP C 100 -23.66 -21.75 9.72
N ALA C 101 -23.77 -20.80 8.82
CA ALA C 101 -23.31 -20.82 7.44
C ALA C 101 -23.03 -19.36 7.07
N ILE C 102 -22.06 -19.10 6.17
CA ILE C 102 -21.73 -17.75 5.68
C ILE C 102 -21.87 -17.72 4.15
N VAL C 103 -22.69 -16.85 3.58
CA VAL C 103 -22.82 -16.78 2.13
C VAL C 103 -22.13 -15.47 1.87
N MET C 104 -21.12 -15.42 1.02
CA MET C 104 -20.44 -14.17 0.87
C MET C 104 -20.12 -13.86 -0.60
N ARG C 105 -20.17 -12.55 -0.96
CA ARG C 105 -19.78 -12.09 -2.28
C ARG C 105 -18.66 -11.14 -1.95
N HIS C 106 -17.54 -11.28 -2.63
CA HIS C 106 -16.40 -10.43 -2.37
C HIS C 106 -15.78 -10.00 -3.69
N PRO C 107 -15.20 -8.80 -3.73
CA PRO C 107 -14.47 -8.29 -4.90
C PRO C 107 -13.10 -8.87 -5.19
N GLN C 108 -12.34 -9.39 -4.24
CA GLN C 108 -11.04 -9.89 -4.44
C GLN C 108 -11.22 -11.35 -4.67
N GLU C 109 -10.44 -11.87 -5.61
CA GLU C 109 -10.44 -13.27 -5.94
C GLU C 109 -9.77 -13.96 -4.79
N GLY C 110 -10.28 -15.09 -4.35
CA GLY C 110 -9.66 -15.86 -3.30
C GLY C 110 -10.26 -15.67 -1.95
N ALA C 111 -11.18 -14.69 -1.83
CA ALA C 111 -11.71 -14.32 -0.53
C ALA C 111 -12.52 -15.36 0.14
N ALA C 112 -13.39 -16.07 -0.57
CA ALA C 112 -14.13 -17.16 0.06
C ALA C 112 -13.21 -18.24 0.53
N ARG C 113 -12.15 -18.51 -0.23
CA ARG C 113 -11.17 -19.55 0.13
C ARG C 113 -10.37 -19.09 1.34
N LEU C 114 -10.14 -17.82 1.56
CA LEU C 114 -9.52 -17.40 2.81
C LEU C 114 -10.51 -17.48 3.96
N ALA C 115 -11.82 -17.31 3.78
CA ALA C 115 -12.78 -17.33 4.88
C ALA C 115 -12.81 -18.66 5.60
N THR C 116 -12.80 -19.67 4.78
CA THR C 116 -12.54 -21.07 5.06
C THR C 116 -11.44 -21.37 6.07
N GLU C 117 -10.38 -20.58 6.15
CA GLU C 117 -9.33 -20.80 7.13
C GLU C 117 -9.69 -20.29 8.50
N PHE C 118 -10.59 -19.31 8.55
CA PHE C 118 -10.90 -18.66 9.79
C PHE C 118 -12.28 -18.98 10.30
N SER C 119 -13.18 -19.61 9.53
CA SER C 119 -14.51 -19.85 10.06
C SER C 119 -14.57 -21.10 10.94
N GLY C 120 -13.49 -21.87 10.86
CA GLY C 120 -13.38 -23.13 11.53
C GLY C 120 -14.42 -24.07 10.92
N ASN C 121 -15.46 -24.28 11.74
CA ASN C 121 -16.54 -25.19 11.43
C ASN C 121 -17.85 -24.62 10.94
N VAL C 122 -17.91 -23.34 10.58
CA VAL C 122 -19.07 -22.83 9.89
C VAL C 122 -18.72 -22.91 8.39
N PRO C 123 -19.65 -23.44 7.58
CA PRO C 123 -19.53 -23.56 6.15
C PRO C 123 -19.51 -22.23 5.42
N VAL C 124 -18.72 -22.08 4.36
CA VAL C 124 -18.66 -20.83 3.62
C VAL C 124 -19.10 -21.19 2.24
N LEU C 125 -20.15 -20.50 1.76
CA LEU C 125 -20.70 -20.68 0.43
C LEU C 125 -20.37 -19.40 -0.30
N ASN C 126 -19.76 -19.58 -1.45
CA ASN C 126 -19.36 -18.53 -2.34
C ASN C 126 -20.46 -18.03 -3.29
N ALA C 127 -20.89 -16.80 -3.03
CA ALA C 127 -21.80 -16.06 -3.93
C ALA C 127 -20.99 -15.23 -4.95
N GLY C 128 -19.65 -15.28 -5.00
CA GLY C 128 -18.88 -14.69 -6.07
C GLY C 128 -17.65 -14.12 -5.47
N ASP C 129 -16.48 -14.52 -5.94
CA ASP C 129 -15.26 -13.91 -5.45
C ASP C 129 -14.50 -13.30 -6.62
N GLY C 130 -14.73 -12.04 -6.90
CA GLY C 130 -14.02 -11.39 -8.01
C GLY C 130 -14.24 -12.06 -9.36
N SER C 131 -13.19 -12.11 -10.15
CA SER C 131 -13.27 -12.72 -11.46
C SER C 131 -12.91 -14.21 -11.38
N ASN C 132 -13.13 -14.87 -10.21
CA ASN C 132 -12.75 -16.25 -10.06
C ASN C 132 -13.93 -17.20 -10.22
N GLN C 133 -14.70 -17.45 -9.17
CA GLN C 133 -15.72 -18.47 -9.22
C GLN C 133 -17.00 -17.80 -8.76
N HIS C 134 -18.04 -18.57 -9.03
CA HIS C 134 -19.38 -18.29 -8.59
C HIS C 134 -20.15 -19.64 -8.58
N PRO C 135 -19.80 -20.74 -7.85
CA PRO C 135 -20.41 -22.06 -7.97
C PRO C 135 -21.91 -22.19 -8.01
N THR C 136 -22.54 -21.27 -7.32
CA THR C 136 -23.96 -21.32 -7.20
C THR C 136 -24.62 -20.87 -8.51
N GLN C 137 -24.08 -19.95 -9.30
CA GLN C 137 -24.63 -19.65 -10.62
C GLN C 137 -24.43 -20.87 -11.53
N THR C 138 -23.35 -21.66 -11.47
CA THR C 138 -23.19 -22.77 -12.37
C THR C 138 -24.17 -23.87 -12.00
N LEU C 139 -24.39 -24.13 -10.71
CA LEU C 139 -25.40 -25.10 -10.30
C LEU C 139 -26.78 -24.68 -10.74
N LEU C 140 -27.33 -23.47 -10.67
CA LEU C 140 -28.64 -23.20 -11.26
C LEU C 140 -28.67 -23.35 -12.80
N ASP C 141 -27.58 -23.14 -13.55
CA ASP C 141 -27.53 -23.30 -15.01
C ASP C 141 -27.61 -24.74 -15.39
N LEU C 142 -26.76 -25.55 -14.75
CA LEU C 142 -26.72 -26.97 -14.95
C LEU C 142 -28.08 -27.52 -14.56
N PHE C 143 -28.66 -27.13 -13.41
CA PHE C 143 -30.03 -27.48 -13.10
C PHE C 143 -31.00 -27.07 -14.22
N THR C 144 -30.94 -25.86 -14.78
CA THR C 144 -31.83 -25.49 -15.87
C THR C 144 -31.57 -26.26 -17.13
N ILE C 145 -30.35 -26.67 -17.47
CA ILE C 145 -30.10 -27.46 -18.69
C ILE C 145 -30.65 -28.87 -18.42
N GLN C 146 -30.41 -29.42 -17.27
CA GLN C 146 -30.91 -30.72 -16.97
C GLN C 146 -32.42 -30.80 -17.00
N GLN C 147 -33.04 -29.84 -16.35
CA GLN C 147 -34.48 -29.76 -16.25
C GLN C 147 -35.04 -29.71 -17.66
N THR C 148 -34.48 -28.95 -18.59
CA THR C 148 -35.05 -28.83 -19.91
C THR C 148 -34.60 -29.86 -20.90
N GLU C 149 -33.31 -30.15 -20.92
CA GLU C 149 -32.83 -31.11 -21.89
C GLU C 149 -33.00 -32.52 -21.39
N GLY C 150 -33.34 -32.72 -20.12
CA GLY C 150 -33.48 -34.07 -19.65
C GLY C 150 -32.12 -34.68 -19.40
N ARG C 151 -31.02 -34.21 -20.02
CA ARG C 151 -29.71 -34.69 -19.70
C ARG C 151 -28.66 -33.61 -19.58
N LEU C 152 -27.47 -34.03 -19.10
CA LEU C 152 -26.32 -33.16 -18.96
C LEU C 152 -25.19 -33.72 -19.83
N ASP C 153 -25.50 -34.80 -20.55
CA ASP C 153 -24.52 -35.56 -21.33
C ASP C 153 -24.94 -35.40 -22.77
N ASN C 154 -23.99 -35.50 -23.66
CA ASN C 154 -24.26 -35.45 -25.09
C ASN C 154 -25.00 -34.25 -25.66
N LEU C 155 -24.67 -33.08 -25.14
CA LEU C 155 -25.32 -31.86 -25.59
C LEU C 155 -24.60 -31.08 -26.69
N HIS C 156 -25.24 -30.13 -27.35
CA HIS C 156 -24.61 -29.27 -28.34
C HIS C 156 -24.91 -27.91 -27.73
N VAL C 157 -23.86 -27.28 -27.17
CA VAL C 157 -23.93 -26.07 -26.34
C VAL C 157 -23.12 -24.90 -26.92
N ALA C 158 -23.81 -23.81 -27.29
CA ALA C 158 -23.19 -22.66 -27.94
C ALA C 158 -22.96 -21.57 -26.91
N MET C 159 -21.76 -21.01 -26.74
CA MET C 159 -21.46 -20.04 -25.70
C MET C 159 -21.30 -18.78 -26.51
N VAL C 160 -22.15 -17.78 -26.33
CA VAL C 160 -22.14 -16.63 -27.21
C VAL C 160 -21.91 -15.33 -26.41
N GLY C 161 -21.09 -14.41 -26.90
CA GLY C 161 -20.93 -13.11 -26.25
C GLY C 161 -19.53 -12.80 -25.78
N ASP C 162 -19.37 -12.35 -24.55
CA ASP C 162 -18.05 -12.06 -24.03
C ASP C 162 -17.52 -13.30 -23.35
N LEU C 163 -16.81 -14.09 -24.16
CA LEU C 163 -16.24 -15.33 -23.67
C LEU C 163 -14.94 -15.19 -22.90
N LYS C 164 -14.19 -14.09 -23.07
CA LYS C 164 -12.91 -13.97 -22.38
C LYS C 164 -13.08 -13.58 -20.93
N TYR C 165 -13.97 -12.65 -20.68
CA TYR C 165 -14.19 -12.20 -19.32
C TYR C 165 -15.30 -12.88 -18.56
N GLY C 166 -16.29 -13.40 -19.29
CA GLY C 166 -17.41 -14.08 -18.67
C GLY C 166 -17.02 -15.26 -17.77
N ARG C 167 -16.91 -15.01 -16.44
CA ARG C 167 -16.76 -15.92 -15.27
C ARG C 167 -17.70 -17.11 -15.36
N THR C 168 -18.98 -16.78 -15.60
CA THR C 168 -20.11 -17.68 -15.81
C THR C 168 -19.85 -18.71 -16.92
N VAL C 169 -19.43 -18.27 -18.14
CA VAL C 169 -19.17 -19.25 -19.17
C VAL C 169 -17.94 -20.10 -18.90
N HIS C 170 -16.93 -19.60 -18.17
CA HIS C 170 -15.74 -20.40 -17.93
C HIS C 170 -16.10 -21.55 -16.99
N SER C 171 -16.81 -21.26 -15.88
CA SER C 171 -17.25 -22.28 -14.96
C SER C 171 -18.16 -23.32 -15.65
N LEU C 172 -19.19 -22.97 -16.42
CA LEU C 172 -20.05 -23.90 -17.12
C LEU C 172 -19.29 -24.78 -18.08
N THR C 173 -18.32 -24.24 -18.83
CA THR C 173 -17.52 -25.07 -19.73
C THR C 173 -16.72 -26.08 -18.92
N GLN C 174 -16.21 -25.75 -17.74
CA GLN C 174 -15.48 -26.67 -16.91
C GLN C 174 -16.35 -27.75 -16.26
N ALA C 175 -17.55 -27.35 -15.84
CA ALA C 175 -18.56 -28.19 -15.23
C ALA C 175 -19.15 -29.13 -16.26
N LEU C 176 -19.60 -28.70 -17.45
CA LEU C 176 -20.14 -29.64 -18.43
C LEU C 176 -19.03 -30.53 -18.96
N ALA C 177 -17.74 -30.10 -18.99
CA ALA C 177 -16.60 -30.88 -19.47
C ALA C 177 -16.33 -32.12 -18.67
N LYS C 178 -17.04 -32.27 -17.55
CA LYS C 178 -16.97 -33.39 -16.67
C LYS C 178 -17.98 -34.44 -17.07
N PHE C 179 -18.89 -34.15 -17.99
CA PHE C 179 -19.94 -35.03 -18.42
C PHE C 179 -19.54 -35.44 -19.82
N ASP C 180 -20.13 -36.46 -20.42
CA ASP C 180 -19.54 -36.89 -21.66
C ASP C 180 -20.14 -36.41 -22.95
N GLY C 181 -19.25 -36.31 -23.94
CA GLY C 181 -19.65 -36.03 -25.30
C GLY C 181 -20.35 -34.72 -25.45
N ASN C 182 -19.99 -33.74 -24.64
CA ASN C 182 -20.58 -32.42 -24.84
C ASN C 182 -19.80 -31.82 -26.01
N ARG C 183 -20.46 -31.01 -26.84
CA ARG C 183 -19.87 -30.37 -27.98
C ARG C 183 -20.11 -28.89 -27.87
N PHE C 184 -19.06 -28.10 -27.88
CA PHE C 184 -19.17 -26.67 -27.71
C PHE C 184 -18.94 -25.82 -28.95
N TYR C 185 -19.73 -24.77 -29.10
CA TYR C 185 -19.55 -23.81 -30.18
C TYR C 185 -19.31 -22.53 -29.43
N PHE C 186 -18.22 -21.86 -29.73
CA PHE C 186 -17.96 -20.57 -29.12
C PHE C 186 -18.18 -19.43 -30.14
N ILE C 187 -19.10 -18.45 -30.02
CA ILE C 187 -19.35 -17.35 -30.97
C ILE C 187 -18.99 -16.11 -30.18
N ALA C 188 -17.94 -15.40 -30.52
CA ALA C 188 -17.44 -14.29 -29.73
C ALA C 188 -16.72 -13.36 -30.69
N PRO C 189 -16.80 -12.05 -30.49
CA PRO C 189 -15.89 -11.13 -31.16
C PRO C 189 -14.47 -11.52 -30.76
N ASP C 190 -13.50 -11.52 -31.68
CA ASP C 190 -12.11 -11.95 -31.39
C ASP C 190 -11.40 -11.27 -30.21
N ALA C 191 -11.79 -10.06 -29.85
CA ALA C 191 -11.18 -9.39 -28.71
C ALA C 191 -11.58 -10.01 -27.38
N LEU C 192 -12.70 -10.75 -27.44
CA LEU C 192 -13.37 -11.36 -26.30
C LEU C 192 -13.40 -12.87 -26.34
N ALA C 193 -12.54 -13.51 -27.11
CA ALA C 193 -12.47 -14.95 -27.30
C ALA C 193 -12.11 -15.70 -26.07
N MET C 194 -12.63 -16.93 -26.11
CA MET C 194 -12.45 -17.88 -25.03
C MET C 194 -10.96 -18.12 -24.80
N PRO C 195 -10.44 -17.83 -23.62
CA PRO C 195 -9.02 -17.79 -23.34
C PRO C 195 -8.37 -19.16 -23.47
N GLU C 196 -7.15 -19.30 -24.01
CA GLU C 196 -6.51 -20.62 -24.16
C GLU C 196 -6.59 -21.69 -23.08
N TYR C 197 -6.48 -21.43 -21.79
CA TYR C 197 -6.50 -22.49 -20.79
C TYR C 197 -7.79 -23.30 -20.66
N ILE C 198 -8.92 -22.78 -21.17
CA ILE C 198 -10.21 -23.50 -21.17
C ILE C 198 -10.09 -24.40 -22.36
N LEU C 199 -9.88 -23.83 -23.56
CA LEU C 199 -9.68 -24.63 -24.79
C LEU C 199 -8.66 -25.76 -24.55
N ASP C 200 -7.57 -25.48 -23.83
CA ASP C 200 -6.52 -26.45 -23.49
C ASP C 200 -6.97 -27.68 -22.73
N MET C 201 -7.86 -27.46 -21.77
CA MET C 201 -8.41 -28.57 -20.99
C MET C 201 -9.40 -29.34 -21.82
N LEU C 202 -10.11 -28.70 -22.74
CA LEU C 202 -11.07 -29.36 -23.59
C LEU C 202 -10.30 -30.29 -24.47
N ASP C 203 -9.13 -29.90 -24.97
CA ASP C 203 -8.37 -30.75 -25.83
C ASP C 203 -7.93 -31.99 -25.13
N GLU C 204 -7.29 -31.80 -23.99
CA GLU C 204 -6.82 -32.87 -23.14
C GLU C 204 -7.87 -33.94 -22.83
N LYS C 205 -9.14 -33.57 -22.86
CA LYS C 205 -10.20 -34.52 -22.60
C LYS C 205 -10.89 -35.09 -23.84
N GLY C 206 -10.41 -34.68 -25.01
CA GLY C 206 -10.92 -35.15 -26.28
C GLY C 206 -12.31 -34.63 -26.53
N ILE C 207 -12.66 -33.47 -25.95
CA ILE C 207 -13.97 -32.83 -26.08
C ILE C 207 -13.95 -31.84 -27.25
N ALA C 208 -14.90 -32.04 -28.14
CA ALA C 208 -15.00 -31.25 -29.36
C ALA C 208 -15.52 -29.82 -29.18
N TRP C 209 -14.91 -28.88 -29.90
CA TRP C 209 -15.37 -27.49 -29.93
C TRP C 209 -14.95 -26.86 -31.26
N SER C 210 -15.61 -25.79 -31.64
CA SER C 210 -15.22 -24.99 -32.78
C SER C 210 -15.68 -23.58 -32.43
N LEU C 211 -15.22 -22.64 -33.22
CA LEU C 211 -15.51 -21.25 -33.05
C LEU C 211 -16.32 -20.95 -34.32
N HIS C 212 -17.45 -20.21 -34.23
CA HIS C 212 -18.22 -19.86 -35.40
C HIS C 212 -18.38 -18.35 -35.32
N SER C 213 -18.59 -17.75 -36.46
CA SER C 213 -18.68 -16.31 -36.55
C SER C 213 -20.08 -15.75 -36.35
N SER C 214 -21.15 -16.44 -36.72
CA SER C 214 -22.49 -15.93 -36.52
C SER C 214 -23.24 -17.11 -35.96
N ILE C 215 -24.26 -16.74 -35.17
CA ILE C 215 -25.19 -17.69 -34.56
C ILE C 215 -25.92 -18.49 -35.67
N GLU C 216 -26.21 -17.89 -36.84
CA GLU C 216 -26.88 -18.52 -37.98
C GLU C 216 -26.21 -19.84 -38.37
N GLU C 217 -24.89 -19.86 -38.26
CA GLU C 217 -24.11 -21.02 -38.60
C GLU C 217 -24.44 -22.29 -37.81
N VAL C 218 -24.80 -22.07 -36.56
CA VAL C 218 -24.94 -23.21 -35.71
C VAL C 218 -26.34 -23.45 -35.14
N MET C 219 -27.33 -22.55 -35.38
CA MET C 219 -28.67 -22.62 -34.80
C MET C 219 -29.29 -24.00 -34.84
N ALA C 220 -29.24 -24.64 -36.02
CA ALA C 220 -29.85 -25.93 -36.26
C ALA C 220 -29.53 -27.14 -35.38
N GLU C 221 -28.29 -27.20 -34.91
CA GLU C 221 -27.79 -28.33 -34.16
C GLU C 221 -27.73 -28.08 -32.66
N VAL C 222 -28.22 -26.96 -32.19
CA VAL C 222 -27.99 -26.57 -30.83
C VAL C 222 -29.21 -26.73 -29.96
N ASP C 223 -28.83 -27.26 -28.80
CA ASP C 223 -29.73 -27.58 -27.69
C ASP C 223 -29.75 -26.46 -26.66
N ILE C 224 -28.62 -25.87 -26.32
CA ILE C 224 -28.58 -24.87 -25.24
C ILE C 224 -27.76 -23.74 -25.83
N LEU C 225 -28.31 -22.53 -25.78
CA LEU C 225 -27.61 -21.36 -26.28
C LEU C 225 -27.41 -20.46 -25.08
N TYR C 226 -26.18 -20.27 -24.62
CA TYR C 226 -25.89 -19.49 -23.44
C TYR C 226 -25.33 -18.15 -23.90
N MET C 227 -26.11 -17.09 -23.68
CA MET C 227 -25.70 -15.75 -24.01
C MET C 227 -25.06 -15.07 -22.83
N THR C 228 -23.98 -14.33 -23.02
CA THR C 228 -23.35 -13.58 -21.98
C THR C 228 -23.41 -12.11 -22.32
N ARG C 229 -23.34 -11.24 -21.31
CA ARG C 229 -23.48 -9.80 -21.49
C ARG C 229 -22.18 -9.30 -22.08
N VAL C 230 -22.19 -8.61 -23.19
CA VAL C 230 -20.95 -8.03 -23.70
C VAL C 230 -20.95 -6.74 -22.94
N GLN C 231 -20.05 -6.59 -21.97
CA GLN C 231 -19.96 -5.37 -21.16
C GLN C 231 -19.66 -4.23 -22.14
N LYS C 232 -20.54 -3.28 -22.48
CA LYS C 232 -20.25 -2.25 -23.49
C LYS C 232 -18.87 -1.60 -23.36
N GLU C 233 -18.52 -1.37 -22.09
CA GLU C 233 -17.29 -0.75 -21.62
C GLU C 233 -16.01 -1.56 -21.88
N ARG C 234 -16.16 -2.80 -22.37
CA ARG C 234 -15.05 -3.71 -22.67
C ARG C 234 -14.42 -3.36 -24.04
N LEU C 235 -15.10 -2.53 -24.82
CA LEU C 235 -14.63 -2.16 -26.13
C LEU C 235 -14.75 -0.65 -26.13
N ASP C 236 -14.22 -0.01 -27.16
CA ASP C 236 -14.51 1.40 -27.27
C ASP C 236 -15.92 1.45 -27.90
N PRO C 237 -16.76 2.49 -27.72
CA PRO C 237 -18.06 2.66 -28.36
C PRO C 237 -18.23 2.36 -29.87
N SER C 238 -17.22 2.73 -30.65
CA SER C 238 -17.23 2.45 -32.07
C SER C 238 -16.77 1.04 -32.33
N GLU C 239 -16.15 0.34 -31.39
CA GLU C 239 -15.78 -1.05 -31.62
C GLU C 239 -16.97 -1.92 -31.30
N TYR C 240 -17.60 -1.54 -30.18
CA TYR C 240 -18.79 -2.18 -29.72
C TYR C 240 -19.82 -2.17 -30.82
N ALA C 241 -20.33 -1.01 -31.26
CA ALA C 241 -21.41 -1.00 -32.24
C ALA C 241 -21.11 -1.56 -33.62
N ASN C 242 -19.84 -1.65 -33.87
CA ASN C 242 -19.45 -2.03 -35.18
C ASN C 242 -18.74 -3.33 -35.02
N VAL C 243 -19.59 -4.33 -34.98
CA VAL C 243 -19.06 -5.64 -35.26
C VAL C 243 -19.55 -5.73 -36.73
N LYS C 244 -19.91 -6.85 -37.36
CA LYS C 244 -20.38 -6.85 -38.77
C LYS C 244 -21.81 -6.31 -39.00
N ALA C 245 -22.55 -6.47 -37.93
CA ALA C 245 -23.91 -6.03 -37.69
C ALA C 245 -23.90 -6.25 -36.15
N GLN C 246 -23.86 -7.48 -35.51
CA GLN C 246 -23.65 -7.75 -34.07
C GLN C 246 -23.68 -9.24 -33.62
N PHE C 247 -23.88 -9.58 -32.31
CA PHE C 247 -24.11 -10.95 -31.77
C PHE C 247 -25.24 -10.87 -30.74
N VAL C 248 -26.33 -10.32 -31.25
CA VAL C 248 -27.52 -10.10 -30.48
C VAL C 248 -28.53 -11.08 -31.06
N LEU C 249 -29.43 -11.58 -30.25
CA LEU C 249 -30.35 -12.59 -30.68
C LEU C 249 -31.65 -11.86 -30.78
N ARG C 250 -32.37 -12.17 -31.84
CA ARG C 250 -33.73 -11.71 -32.15
C ARG C 250 -34.57 -12.94 -32.53
N ALA C 251 -35.91 -12.93 -32.37
CA ALA C 251 -36.69 -14.13 -32.56
C ALA C 251 -36.60 -14.75 -33.95
N SER C 252 -36.43 -13.91 -34.96
CA SER C 252 -36.28 -14.35 -36.33
C SER C 252 -35.12 -15.35 -36.37
N ASP C 253 -33.99 -15.05 -35.73
CA ASP C 253 -32.81 -15.91 -35.74
C ASP C 253 -33.11 -17.33 -35.26
N LEU C 254 -34.13 -17.42 -34.43
CA LEU C 254 -34.46 -18.68 -33.85
C LEU C 254 -35.33 -19.53 -34.76
N HIS C 255 -35.67 -19.16 -36.00
CA HIS C 255 -36.66 -19.97 -36.70
C HIS C 255 -36.24 -21.30 -37.24
N ASN C 256 -34.95 -21.56 -37.18
CA ASN C 256 -34.51 -22.90 -37.47
C ASN C 256 -34.23 -23.73 -36.21
N ALA C 257 -34.48 -23.21 -35.02
CA ALA C 257 -34.07 -23.96 -33.86
C ALA C 257 -34.93 -25.18 -33.60
N LYS C 258 -34.25 -26.16 -33.03
CA LYS C 258 -34.87 -27.38 -32.59
C LYS C 258 -35.88 -27.00 -31.50
N ALA C 259 -36.92 -27.82 -31.38
CA ALA C 259 -37.96 -27.63 -30.40
C ALA C 259 -37.35 -27.60 -29.03
N ASN C 260 -36.36 -28.43 -28.80
CA ASN C 260 -35.80 -28.46 -27.46
C ASN C 260 -34.78 -27.34 -27.19
N MET C 261 -34.56 -26.39 -28.09
CA MET C 261 -33.50 -25.41 -27.92
C MET C 261 -33.87 -24.41 -26.85
N LYS C 262 -33.03 -24.17 -25.86
CA LYS C 262 -33.30 -23.12 -24.89
C LYS C 262 -32.24 -22.02 -24.93
N VAL C 263 -32.66 -20.74 -24.83
CA VAL C 263 -31.77 -19.56 -24.75
C VAL C 263 -31.60 -19.32 -23.24
N LEU C 264 -30.37 -19.27 -22.74
CA LEU C 264 -30.03 -19.10 -21.33
C LEU C 264 -29.24 -17.81 -21.22
N HIS C 265 -29.36 -17.12 -20.13
CA HIS C 265 -28.62 -15.89 -19.92
C HIS C 265 -28.54 -15.74 -18.43
N PRO C 266 -27.35 -15.51 -17.88
CA PRO C 266 -27.15 -15.18 -16.45
C PRO C 266 -27.85 -13.92 -15.90
N LEU C 267 -28.29 -13.01 -16.80
CA LEU C 267 -28.79 -11.65 -16.64
C LEU C 267 -27.86 -10.71 -15.89
N PRO C 268 -27.69 -9.39 -16.17
CA PRO C 268 -28.64 -8.49 -16.81
C PRO C 268 -28.59 -8.73 -18.28
N ARG C 269 -29.71 -8.55 -18.91
CA ARG C 269 -29.77 -8.67 -20.31
C ARG C 269 -30.16 -7.25 -20.65
N VAL C 270 -29.24 -6.63 -21.36
CA VAL C 270 -29.45 -5.30 -21.84
C VAL C 270 -29.92 -5.36 -23.27
N ASP C 271 -29.08 -5.72 -24.22
CA ASP C 271 -29.62 -5.70 -25.56
C ASP C 271 -29.23 -6.91 -26.34
N GLU C 272 -28.49 -7.83 -25.72
CA GLU C 272 -28.07 -8.97 -26.47
C GLU C 272 -29.21 -9.88 -26.85
N ILE C 273 -30.38 -9.83 -26.19
CA ILE C 273 -31.50 -10.70 -26.51
C ILE C 273 -32.60 -9.68 -26.64
N ALA C 274 -33.19 -9.65 -27.81
CA ALA C 274 -34.26 -8.71 -28.01
C ALA C 274 -35.55 -9.21 -27.37
N THR C 275 -36.28 -8.23 -26.90
CA THR C 275 -37.60 -8.32 -26.30
C THR C 275 -38.58 -9.31 -26.87
N ASP C 276 -38.44 -9.56 -28.16
CA ASP C 276 -39.38 -10.38 -28.88
C ASP C 276 -39.09 -11.88 -28.79
N VAL C 277 -37.89 -12.24 -28.27
CA VAL C 277 -37.51 -13.61 -28.03
C VAL C 277 -38.26 -14.08 -26.79
N ASP C 278 -38.62 -13.14 -25.92
CA ASP C 278 -39.31 -13.44 -24.67
C ASP C 278 -40.59 -14.22 -24.81
N LYS C 279 -41.21 -13.90 -25.92
CA LYS C 279 -42.49 -14.44 -26.26
C LYS C 279 -42.34 -15.83 -26.89
N THR C 280 -41.15 -16.17 -27.36
CA THR C 280 -40.81 -17.47 -27.90
C THR C 280 -40.82 -18.55 -26.80
N PRO C 281 -41.18 -19.79 -27.07
CA PRO C 281 -41.00 -20.90 -26.14
C PRO C 281 -39.56 -21.21 -25.71
N HIS C 282 -38.61 -20.61 -26.39
CA HIS C 282 -37.22 -20.95 -26.23
C HIS C 282 -36.60 -20.03 -25.19
N ALA C 283 -37.29 -18.96 -24.86
CA ALA C 283 -36.68 -17.99 -23.99
C ALA C 283 -36.78 -18.66 -22.65
N TRP C 284 -35.63 -18.77 -21.95
CA TRP C 284 -35.68 -19.49 -20.71
C TRP C 284 -34.95 -18.80 -19.63
N TYR C 285 -34.57 -17.56 -19.81
CA TYR C 285 -33.69 -16.94 -18.82
C TYR C 285 -34.33 -16.53 -17.50
N PHE C 286 -35.64 -16.23 -17.49
CA PHE C 286 -36.31 -15.88 -16.23
C PHE C 286 -36.59 -17.18 -15.53
N GLN C 287 -36.91 -18.26 -16.22
CA GLN C 287 -37.18 -19.56 -15.60
C GLN C 287 -35.86 -20.05 -15.01
N GLN C 288 -34.77 -19.79 -15.71
CA GLN C 288 -33.43 -20.10 -15.29
C GLN C 288 -33.12 -19.43 -13.95
N ALA C 289 -33.49 -18.14 -13.78
CA ALA C 289 -33.31 -17.33 -12.55
C ALA C 289 -34.05 -17.94 -11.36
N GLY C 290 -35.23 -18.47 -11.67
CA GLY C 290 -36.10 -19.09 -10.70
C GLY C 290 -35.63 -20.42 -10.21
N ASN C 291 -34.79 -21.11 -10.98
CA ASN C 291 -34.21 -22.36 -10.51
C ASN C 291 -32.97 -22.04 -9.66
N GLY C 292 -32.47 -20.79 -9.68
CA GLY C 292 -31.49 -20.35 -8.71
C GLY C 292 -32.00 -20.65 -7.29
N ILE C 293 -33.28 -20.48 -7.02
CA ILE C 293 -33.90 -20.80 -5.75
C ILE C 293 -33.72 -22.24 -5.40
N PHE C 294 -34.07 -23.13 -6.30
CA PHE C 294 -33.97 -24.55 -6.04
C PHE C 294 -32.53 -25.00 -5.83
N ALA C 295 -31.62 -24.72 -6.76
CA ALA C 295 -30.20 -25.03 -6.60
C ALA C 295 -29.57 -24.42 -5.37
N ARG C 296 -30.02 -23.25 -4.96
CA ARG C 296 -29.48 -22.56 -3.81
C ARG C 296 -30.02 -23.24 -2.56
N GLN C 297 -31.27 -23.66 -2.48
CA GLN C 297 -31.75 -24.47 -1.36
C GLN C 297 -31.06 -25.80 -1.14
N ALA C 298 -30.82 -26.51 -2.24
CA ALA C 298 -30.11 -27.79 -2.25
C ALA C 298 -28.87 -27.71 -1.43
N LEU C 299 -28.05 -26.75 -1.78
CA LEU C 299 -26.80 -26.49 -1.09
C LEU C 299 -26.94 -26.29 0.40
N LEU C 300 -27.81 -25.36 0.79
CA LEU C 300 -27.98 -25.08 2.20
C LEU C 300 -28.55 -26.32 2.90
N ALA C 301 -29.39 -27.15 2.28
CA ALA C 301 -29.95 -28.32 2.91
C ALA C 301 -28.81 -29.28 3.06
N LEU C 302 -28.07 -29.62 2.01
CA LEU C 302 -26.93 -30.55 2.07
C LEU C 302 -25.75 -30.21 3.00
N VAL C 303 -25.24 -28.98 3.00
CA VAL C 303 -24.15 -28.52 3.85
C VAL C 303 -24.55 -28.58 5.30
N LEU C 304 -25.75 -28.13 5.61
CA LEU C 304 -26.18 -28.04 6.99
C LEU C 304 -26.85 -29.29 7.57
N ASN C 305 -27.35 -30.21 6.74
CA ASN C 305 -28.00 -31.43 7.20
C ASN C 305 -27.23 -32.71 6.99
N ARG C 306 -27.10 -33.42 8.10
CA ARG C 306 -26.27 -34.60 8.13
C ARG C 306 -26.79 -35.68 7.22
N ASP C 307 -28.10 -35.85 7.30
CA ASP C 307 -28.79 -36.88 6.56
C ASP C 307 -29.95 -36.13 5.96
N LEU C 308 -30.40 -36.47 4.78
CA LEU C 308 -31.60 -35.85 4.23
C LEU C 308 -32.53 -36.92 3.73
N VAL C 309 -33.79 -36.95 4.19
CA VAL C 309 -34.82 -37.84 3.64
C VAL C 309 -35.92 -36.83 3.38
N LEU C 310 -36.14 -36.79 2.06
CA LEU C 310 -37.02 -35.85 1.40
C LEU C 310 -37.91 -36.75 0.50
N GLY D 8 39.00 -21.85 0.05
CA GLY D 8 37.70 -22.48 0.10
C GLY D 8 37.39 -22.63 1.58
N VAL D 9 36.26 -23.21 1.97
CA VAL D 9 35.95 -23.44 3.38
C VAL D 9 36.04 -24.96 3.62
N GLU D 10 36.60 -25.22 4.80
CA GLU D 10 36.85 -26.56 5.33
C GLU D 10 35.60 -27.40 5.66
N ALA D 11 35.83 -28.71 5.77
CA ALA D 11 34.80 -29.71 6.04
C ALA D 11 34.17 -29.72 7.44
N ILE D 12 32.99 -30.34 7.61
CA ILE D 12 32.33 -30.36 8.90
C ILE D 12 32.12 -31.79 9.38
N LYS D 13 31.77 -31.83 10.65
CA LYS D 13 31.53 -33.07 11.35
C LYS D 13 30.17 -33.69 11.06
N ARG D 14 29.12 -32.87 11.14
CA ARG D 14 27.76 -33.35 11.04
C ARG D 14 26.97 -32.19 10.49
N GLY D 15 25.90 -32.43 9.74
CA GLY D 15 25.11 -31.35 9.21
C GLY D 15 24.72 -31.61 7.77
N THR D 16 24.48 -30.54 7.02
CA THR D 16 24.09 -30.66 5.66
C THR D 16 25.08 -29.79 4.94
N VAL D 17 25.59 -30.14 3.77
CA VAL D 17 26.35 -29.18 2.94
C VAL D 17 25.64 -29.17 1.58
N ILE D 18 25.18 -27.97 1.24
CA ILE D 18 24.37 -27.71 0.09
C ILE D 18 25.35 -27.11 -0.86
N ASP D 19 25.77 -28.05 -1.66
CA ASP D 19 26.80 -27.81 -2.64
C ASP D 19 26.15 -27.49 -3.96
N HIS D 20 26.93 -26.82 -4.79
CA HIS D 20 26.61 -26.56 -6.19
C HIS D 20 25.49 -25.63 -6.47
N ILE D 21 25.35 -24.66 -5.59
CA ILE D 21 24.36 -23.62 -5.80
C ILE D 21 24.96 -22.78 -6.92
N PRO D 22 24.33 -22.46 -8.04
CA PRO D 22 24.82 -21.44 -8.95
C PRO D 22 25.03 -20.08 -8.27
N ALA D 23 25.81 -19.17 -8.85
CA ALA D 23 26.08 -17.89 -8.22
C ALA D 23 24.82 -17.05 -8.00
N GLN D 24 24.90 -16.13 -7.04
CA GLN D 24 23.83 -15.25 -6.58
C GLN D 24 22.57 -15.89 -5.97
N ILE D 25 22.31 -17.19 -6.18
CA ILE D 25 21.19 -17.93 -5.63
C ILE D 25 21.45 -18.28 -4.17
N GLY D 26 22.68 -18.53 -3.79
CA GLY D 26 23.04 -18.86 -2.41
C GLY D 26 22.54 -17.83 -1.41
N PHE D 27 22.53 -16.56 -1.81
CA PHE D 27 21.96 -15.59 -0.92
C PHE D 27 20.42 -15.69 -0.97
N LYS D 28 19.78 -15.95 -2.12
CA LYS D 28 18.34 -16.15 -2.13
C LYS D 28 17.95 -17.25 -1.16
N LEU D 29 18.66 -18.38 -1.20
CA LEU D 29 18.36 -19.51 -0.35
C LEU D 29 18.44 -19.12 1.11
N LEU D 30 19.48 -18.46 1.61
CA LEU D 30 19.52 -17.97 3.01
C LEU D 30 18.34 -17.10 3.42
N SER D 31 17.99 -16.10 2.62
CA SER D 31 16.87 -15.22 2.89
C SER D 31 15.54 -15.96 2.90
N LEU D 32 15.19 -16.58 1.78
CA LEU D 32 13.93 -17.24 1.60
C LEU D 32 13.73 -18.38 2.57
N PHE D 33 14.71 -19.26 2.77
CA PHE D 33 14.48 -20.41 3.64
C PHE D 33 14.94 -20.18 5.04
N LYS D 34 15.28 -18.91 5.34
CA LYS D 34 15.56 -18.43 6.70
C LYS D 34 16.56 -19.28 7.49
N LEU D 35 17.53 -19.90 6.80
CA LEU D 35 18.53 -20.80 7.38
C LEU D 35 19.50 -20.19 8.39
N THR D 36 19.65 -18.86 8.38
CA THR D 36 20.52 -18.11 9.29
C THR D 36 19.96 -17.95 10.69
N GLU D 37 18.65 -18.18 10.79
CA GLU D 37 17.91 -18.10 12.04
C GLU D 37 18.02 -19.44 12.76
N THR D 38 19.21 -19.67 13.31
CA THR D 38 19.58 -20.81 14.12
C THR D 38 20.90 -20.35 14.73
N ASP D 39 21.18 -20.47 16.03
CA ASP D 39 22.50 -20.04 16.50
C ASP D 39 23.14 -21.41 16.66
N GLN D 40 23.75 -21.66 15.51
CA GLN D 40 24.33 -22.92 15.07
C GLN D 40 25.36 -22.52 14.03
N ARG D 41 26.44 -23.29 13.84
CA ARG D 41 27.55 -22.91 12.96
C ARG D 41 27.21 -22.96 11.47
N ILE D 42 27.24 -21.88 10.71
CA ILE D 42 26.99 -21.97 9.27
C ILE D 42 28.26 -21.43 8.65
N THR D 43 28.75 -22.09 7.59
CA THR D 43 29.85 -21.60 6.81
C THR D 43 29.22 -21.32 5.46
N ILE D 44 29.39 -20.13 4.90
CA ILE D 44 28.81 -19.82 3.62
C ILE D 44 29.97 -19.42 2.74
N GLY D 45 30.09 -19.97 1.54
CA GLY D 45 31.11 -19.56 0.60
C GLY D 45 30.33 -19.12 -0.61
N LEU D 46 30.54 -17.93 -1.12
CA LEU D 46 29.80 -17.39 -2.25
C LEU D 46 30.86 -17.10 -3.28
N ASN D 47 30.48 -17.29 -4.54
CA ASN D 47 31.33 -17.12 -5.69
C ASN D 47 32.66 -17.85 -5.55
N LEU D 48 32.48 -19.08 -5.11
CA LEU D 48 33.58 -20.01 -5.03
C LEU D 48 33.81 -20.38 -6.50
N PRO D 49 35.03 -20.69 -6.91
CA PRO D 49 35.32 -21.05 -8.28
C PRO D 49 34.75 -22.38 -8.68
N SER D 50 35.52 -23.44 -8.42
CA SER D 50 35.28 -24.77 -8.91
C SER D 50 35.28 -24.64 -10.43
N GLY D 51 36.40 -24.98 -11.10
CA GLY D 51 36.48 -24.88 -12.57
C GLY D 51 35.25 -25.48 -13.26
N GLU D 52 34.75 -26.53 -12.62
CA GLU D 52 33.58 -27.33 -12.97
C GLU D 52 32.25 -26.57 -13.18
N MET D 53 32.12 -25.32 -12.71
CA MET D 53 30.94 -24.47 -12.97
C MET D 53 31.33 -23.00 -13.20
N GLY D 54 32.62 -22.66 -13.19
CA GLY D 54 33.04 -21.28 -13.27
C GLY D 54 32.87 -20.75 -11.85
N ARG D 55 31.63 -20.52 -11.43
CA ARG D 55 31.32 -20.05 -10.09
C ARG D 55 30.14 -20.81 -9.50
N LYS D 56 30.31 -21.16 -8.23
CA LYS D 56 29.28 -21.79 -7.45
C LYS D 56 29.26 -21.17 -6.07
N ASP D 57 28.19 -21.38 -5.33
CA ASP D 57 28.03 -20.90 -3.98
C ASP D 57 27.82 -22.21 -3.22
N LEU D 58 28.08 -22.23 -1.92
CA LEU D 58 27.96 -23.44 -1.12
C LEU D 58 27.60 -23.10 0.33
N ILE D 59 26.46 -23.52 0.86
CA ILE D 59 26.14 -23.23 2.25
C ILE D 59 26.41 -24.55 2.95
N LYS D 60 27.06 -24.47 4.11
CA LYS D 60 27.31 -25.57 4.99
C LYS D 60 26.62 -25.20 6.31
N ILE D 61 25.54 -25.87 6.76
CA ILE D 61 24.91 -25.58 8.05
C ILE D 61 25.30 -26.80 8.88
N GLU D 62 25.97 -26.60 10.01
CA GLU D 62 26.47 -27.68 10.83
C GLU D 62 25.37 -28.19 11.74
N ASN D 63 25.37 -29.48 12.04
CA ASN D 63 24.45 -30.16 12.96
C ASN D 63 22.98 -29.82 12.76
N THR D 64 22.58 -29.72 11.49
CA THR D 64 21.23 -29.40 11.02
C THR D 64 20.96 -30.35 9.85
N PHE D 65 19.77 -30.92 9.77
CA PHE D 65 19.45 -31.87 8.73
C PHE D 65 18.18 -31.43 8.01
N LEU D 66 18.37 -30.91 6.80
CA LEU D 66 17.27 -30.44 6.00
C LEU D 66 16.63 -31.70 5.49
N SER D 67 15.39 -31.96 5.84
CA SER D 67 14.79 -33.21 5.44
C SER D 67 13.59 -33.11 4.49
N GLU D 68 13.59 -34.07 3.56
CA GLU D 68 12.54 -34.31 2.59
C GLU D 68 12.10 -33.10 1.73
N ASP D 69 11.05 -32.39 2.18
CA ASP D 69 10.42 -31.27 1.49
C ASP D 69 11.34 -30.07 1.30
N GLN D 70 12.16 -29.83 2.33
CA GLN D 70 13.09 -28.72 2.36
C GLN D 70 14.03 -28.74 1.16
N VAL D 71 14.52 -29.95 0.83
CA VAL D 71 15.43 -30.19 -0.29
C VAL D 71 14.74 -29.80 -1.58
N ASP D 72 13.54 -30.36 -1.67
CA ASP D 72 12.64 -30.15 -2.77
C ASP D 72 12.26 -28.70 -2.97
N GLN D 73 12.09 -27.85 -1.95
CA GLN D 73 11.71 -26.48 -2.20
C GLN D 73 12.79 -25.72 -2.95
N LEU D 74 14.05 -26.16 -2.84
CA LEU D 74 15.18 -25.54 -3.53
C LEU D 74 15.15 -25.78 -5.03
N ALA D 75 14.32 -26.72 -5.45
CA ALA D 75 14.20 -27.12 -6.85
C ALA D 75 13.88 -25.97 -7.76
N LEU D 76 13.15 -24.98 -7.30
CA LEU D 76 12.81 -23.89 -8.20
C LEU D 76 13.96 -22.87 -8.30
N TYR D 77 14.94 -22.88 -7.39
CA TYR D 77 15.98 -21.84 -7.33
C TYR D 77 17.38 -22.22 -7.76
N ALA D 78 17.85 -23.35 -7.20
CA ALA D 78 19.16 -23.92 -7.54
C ALA D 78 18.92 -25.42 -7.71
N PRO D 79 18.30 -25.88 -8.84
CA PRO D 79 17.88 -27.26 -9.07
C PRO D 79 18.99 -28.30 -9.24
N GLN D 80 20.25 -27.83 -9.28
CA GLN D 80 21.42 -28.70 -9.36
C GLN D 80 22.13 -28.85 -8.02
N ALA D 81 21.66 -28.22 -6.94
CA ALA D 81 22.34 -28.31 -5.67
C ALA D 81 22.41 -29.74 -5.14
N THR D 82 23.61 -30.24 -4.87
CA THR D 82 23.74 -31.54 -4.25
C THR D 82 23.53 -31.27 -2.76
N VAL D 83 22.53 -31.89 -2.16
CA VAL D 83 22.34 -31.71 -0.73
C VAL D 83 22.96 -32.96 -0.17
N ASN D 84 23.85 -32.79 0.79
CA ASN D 84 24.61 -33.86 1.39
C ASN D 84 24.45 -33.95 2.90
N ARG D 85 24.18 -35.14 3.43
CA ARG D 85 24.17 -35.35 4.88
C ARG D 85 25.61 -35.68 5.26
N ILE D 86 26.06 -35.36 6.45
CA ILE D 86 27.36 -35.70 6.97
C ILE D 86 26.91 -35.96 8.39
N ASP D 87 27.04 -37.14 8.97
CA ASP D 87 26.57 -37.30 10.34
C ASP D 87 27.54 -37.95 11.29
N ASN D 88 28.78 -37.93 10.80
CA ASN D 88 29.94 -38.43 11.50
C ASN D 88 30.94 -38.27 10.38
N TYR D 89 31.68 -37.18 10.46
CA TYR D 89 32.79 -36.86 9.60
C TYR D 89 32.87 -37.06 8.09
N GLU D 90 31.84 -37.56 7.39
CA GLU D 90 31.84 -37.70 5.96
C GLU D 90 30.41 -37.97 5.50
N VAL D 91 30.32 -37.73 4.20
CA VAL D 91 29.13 -37.75 3.35
C VAL D 91 28.37 -39.06 3.51
N VAL D 92 27.22 -39.04 4.17
CA VAL D 92 26.43 -40.23 4.43
C VAL D 92 25.29 -40.44 3.41
N GLY D 93 24.78 -39.38 2.82
CA GLY D 93 23.67 -39.43 1.87
C GLY D 93 23.92 -38.29 0.91
N LYS D 94 23.34 -38.33 -0.27
CA LYS D 94 23.58 -37.29 -1.24
C LYS D 94 22.22 -37.17 -1.87
N SER D 95 21.75 -35.96 -2.18
CA SER D 95 20.38 -35.69 -2.60
C SER D 95 20.37 -34.64 -3.69
N ARG D 96 19.36 -34.60 -4.55
CA ARG D 96 19.24 -33.59 -5.60
C ARG D 96 17.86 -32.96 -5.37
N PRO D 97 17.57 -31.67 -5.53
CA PRO D 97 16.24 -31.10 -5.45
C PRO D 97 15.37 -31.67 -6.54
N SER D 98 14.24 -32.17 -6.06
CA SER D 98 13.13 -32.66 -6.87
C SER D 98 12.02 -31.61 -6.75
N LEU D 99 11.32 -31.34 -7.86
CA LEU D 99 10.22 -30.38 -7.91
C LEU D 99 9.10 -30.82 -6.97
N PRO D 100 8.53 -29.99 -6.11
CA PRO D 100 7.46 -30.43 -5.20
C PRO D 100 6.10 -30.31 -5.90
N GLU D 101 5.02 -30.87 -5.36
CA GLU D 101 3.71 -30.64 -5.95
C GLU D 101 3.11 -29.31 -5.48
N ARG D 102 3.68 -28.66 -4.45
CA ARG D 102 3.18 -27.41 -3.94
C ARG D 102 4.33 -26.57 -3.35
N ILE D 103 4.31 -25.27 -3.50
CA ILE D 103 5.38 -24.44 -2.99
C ILE D 103 4.73 -23.42 -2.09
N ASP D 104 5.04 -23.41 -0.80
CA ASP D 104 4.40 -22.48 0.14
C ASP D 104 5.30 -21.37 0.58
N ASN D 105 4.71 -20.31 1.12
CA ASN D 105 5.41 -19.17 1.75
C ASN D 105 6.31 -18.25 0.97
N VAL D 106 7.11 -18.80 0.10
CA VAL D 106 8.12 -18.02 -0.56
C VAL D 106 7.67 -17.23 -1.77
N LEU D 107 6.64 -17.63 -2.48
CA LEU D 107 6.28 -16.91 -3.68
C LEU D 107 5.30 -15.80 -3.36
N VAL D 108 4.95 -15.01 -4.36
CA VAL D 108 4.01 -13.91 -4.25
C VAL D 108 2.94 -14.12 -5.31
N CYS D 109 1.65 -13.84 -5.11
CA CYS D 109 0.70 -13.94 -6.19
C CYS D 109 0.80 -12.68 -7.10
N PRO D 110 1.03 -12.83 -8.43
CA PRO D 110 1.11 -11.77 -9.43
C PRO D 110 -0.19 -11.01 -9.69
N ASN D 111 -1.28 -11.54 -9.15
CA ASN D 111 -2.58 -10.96 -9.33
C ASN D 111 -2.76 -9.90 -8.27
N SER D 112 -2.71 -8.58 -8.51
CA SER D 112 -2.95 -7.59 -7.48
C SER D 112 -4.31 -7.76 -6.81
N ASN D 113 -5.31 -8.36 -7.46
CA ASN D 113 -6.61 -8.51 -6.84
C ASN D 113 -6.83 -9.83 -6.14
N CYS D 114 -5.80 -10.64 -5.94
CA CYS D 114 -5.95 -11.84 -5.14
C CYS D 114 -5.94 -11.30 -3.71
N ILE D 115 -6.76 -11.89 -2.86
CA ILE D 115 -6.85 -11.53 -1.46
C ILE D 115 -5.57 -11.95 -0.73
N SER D 116 -4.61 -12.70 -1.28
CA SER D 116 -3.43 -13.10 -0.51
C SER D 116 -2.61 -11.89 -0.06
N HIS D 117 -2.72 -10.77 -0.81
CA HIS D 117 -1.98 -9.52 -0.63
C HIS D 117 -2.13 -8.62 0.60
N ALA D 118 -3.26 -8.71 1.28
CA ALA D 118 -3.47 -7.88 2.46
C ALA D 118 -3.58 -8.67 3.73
N GLU D 119 -3.80 -9.97 3.53
CA GLU D 119 -4.25 -10.76 4.63
C GLU D 119 -3.17 -11.62 5.24
N PRO D 120 -3.41 -12.08 6.47
CA PRO D 120 -2.54 -12.99 7.20
C PRO D 120 -2.48 -14.34 6.56
N VAL D 121 -1.83 -14.44 5.41
CA VAL D 121 -1.94 -15.67 4.68
C VAL D 121 -0.66 -16.02 3.97
N SER D 122 -0.33 -17.28 4.15
CA SER D 122 0.81 -17.88 3.46
C SER D 122 0.35 -18.27 2.08
N SER D 123 1.17 -17.80 1.16
CA SER D 123 1.07 -18.15 -0.23
C SER D 123 1.21 -19.67 -0.26
N SER D 124 0.47 -20.26 -1.19
CA SER D 124 0.49 -21.65 -1.47
C SER D 124 0.25 -21.67 -2.94
N PHE D 125 1.10 -22.39 -3.62
CA PHE D 125 0.99 -22.54 -5.06
C PHE D 125 1.08 -24.03 -5.46
N ALA D 126 0.30 -24.45 -6.44
CA ALA D 126 0.39 -25.79 -6.95
C ALA D 126 1.21 -25.80 -8.23
N VAL D 127 2.15 -26.75 -8.23
CA VAL D 127 3.16 -26.94 -9.25
C VAL D 127 2.65 -27.88 -10.35
N ARG D 128 2.74 -27.44 -11.59
CA ARG D 128 2.28 -28.22 -12.72
C ARG D 128 3.41 -28.03 -13.70
N LYS D 129 4.08 -29.06 -14.19
CA LYS D 129 5.20 -28.83 -15.09
C LYS D 129 4.70 -28.96 -16.51
N ARG D 130 4.61 -27.82 -17.18
CA ARG D 130 4.08 -27.84 -18.50
C ARG D 130 5.11 -27.53 -19.54
N ALA D 131 5.75 -28.66 -19.80
CA ALA D 131 6.75 -28.86 -20.82
C ALA D 131 7.86 -27.81 -20.95
N ASN D 132 7.59 -26.65 -21.56
CA ASN D 132 8.59 -25.61 -21.77
C ASN D 132 8.83 -24.75 -20.52
N ASP D 133 8.12 -25.08 -19.41
CA ASP D 133 8.23 -24.46 -18.09
C ASP D 133 7.39 -25.20 -17.04
N ILE D 134 7.26 -24.58 -15.88
CA ILE D 134 6.43 -25.01 -14.78
C ILE D 134 5.38 -23.91 -14.61
N ALA D 135 4.11 -24.29 -14.46
CA ALA D 135 3.01 -23.42 -14.14
C ALA D 135 2.84 -23.44 -12.63
N LEU D 136 2.39 -22.35 -12.02
CA LEU D 136 2.19 -22.27 -10.58
C LEU D 136 0.78 -21.73 -10.47
N LYS D 137 -0.15 -22.43 -9.82
CA LYS D 137 -1.55 -22.01 -9.65
C LYS D 137 -1.82 -21.70 -8.19
N CYS D 138 -2.20 -20.45 -7.93
CA CYS D 138 -2.48 -19.99 -6.59
C CYS D 138 -3.67 -20.70 -5.92
N LYS D 139 -3.48 -20.96 -4.64
CA LYS D 139 -4.47 -21.55 -3.76
C LYS D 139 -5.78 -20.77 -3.73
N TYR D 140 -5.58 -19.44 -3.66
CA TYR D 140 -6.64 -18.45 -3.53
C TYR D 140 -7.44 -17.99 -4.74
N CYS D 141 -6.75 -17.29 -5.63
CA CYS D 141 -7.42 -16.71 -6.78
C CYS D 141 -7.46 -17.74 -7.90
N GLU D 142 -6.74 -18.83 -7.72
CA GLU D 142 -6.80 -19.96 -8.61
C GLU D 142 -6.28 -19.74 -9.99
N LYS D 143 -5.61 -18.59 -10.22
CA LYS D 143 -5.07 -18.27 -11.53
C LYS D 143 -3.74 -18.99 -11.78
N GLU D 144 -3.47 -19.46 -13.00
CA GLU D 144 -2.23 -20.17 -13.27
C GLU D 144 -1.20 -19.20 -13.86
N PHE D 145 0.07 -19.32 -13.47
CA PHE D 145 1.12 -18.44 -13.93
C PHE D 145 2.39 -19.20 -14.29
N SER D 146 3.09 -18.67 -15.30
CA SER D 146 4.38 -19.20 -15.71
C SER D 146 5.26 -18.85 -14.53
N HIS D 147 6.02 -19.79 -13.98
CA HIS D 147 6.93 -19.45 -12.89
C HIS D 147 7.81 -18.24 -13.18
N ASN D 148 8.02 -17.93 -14.46
CA ASN D 148 8.76 -16.76 -14.92
C ASN D 148 8.06 -15.55 -14.36
N VAL D 149 6.74 -15.46 -14.48
CA VAL D 149 5.95 -14.38 -13.86
C VAL D 149 5.98 -14.46 -12.34
N VAL D 150 6.03 -15.62 -11.68
CA VAL D 150 5.99 -15.57 -10.23
C VAL D 150 7.34 -15.18 -9.65
N LEU D 151 8.42 -15.38 -10.41
CA LEU D 151 9.76 -15.03 -9.97
C LEU D 151 10.27 -13.68 -10.55
N ALA D 152 9.52 -13.02 -11.46
CA ALA D 152 9.76 -11.62 -11.85
C ALA D 152 9.62 -10.80 -10.58
N ASN D 153 8.66 -11.29 -9.75
CA ASN D 153 8.29 -11.06 -8.34
C ASN D 153 7.75 -9.76 -7.75
#